data_8JV0
#
_entry.id   8JV0
#
_cell.length_a   41.944
_cell.length_b   105.317
_cell.length_c   221.350
_cell.angle_alpha   90.00
_cell.angle_beta   90.00
_cell.angle_gamma   90.00
#
_symmetry.space_group_name_H-M   'P 21 21 21'
#
loop_
_entity.id
_entity.type
_entity.pdbx_description
1 polymer 'MHC class I antigen'
2 polymer Beta-2-microglobulin
3 polymer TYR-MET-ASN-CYS-SER-LEU-PRO-THR-TYR
4 water water
#
loop_
_entity_poly.entity_id
_entity_poly.type
_entity_poly.pdbx_seq_one_letter_code
_entity_poly.pdbx_strand_id
1 'polypeptide(L)'
;GPHSLSYFYTAVSRPDRGDSRFFIVGYVDDTQFVRFDSDAPNAKMEPRAQWIQQEGQEYWDRETQISKDNAQINRVNLNT
LRGYYNQSEAGSHTLQRMYGCYLGPDGLLLRGYDQDAYDGADYIALNEDLRSWTAADMAAQISKRKREAADEAERMRSYL
QGRCVEWLQKYLEMGKDTLQRAEPPKTHVTRHPSSDLGVTLRCWALGFYPKEISLSWQREGQDQSQDMELVETRPSGDGT
FQKWAALVVPPGEEQSYTCHVQHEGLQEPLTLRWD
;
A,D
2 'polypeptide(L)'
;VARPPKVQVYSRHPAENGKPNYLNCYVSGFHPPQIEIDLLKNGEKMNAEQSDLSFSKDWSFYLLVHTEFTPNAVDQYSCR
VKHVTLDKPKIVKWDRDH
;
B,E
3 'polypeptide(L)' YMNCSLPTY C,F
#
# COMPACT_ATOMS: atom_id res chain seq x y z
N GLY A 1 4.78 -36.86 12.08
CA GLY A 1 5.54 -36.70 13.36
C GLY A 1 4.77 -35.90 14.41
N PRO A 2 5.44 -34.92 15.09
CA PRO A 2 4.81 -34.20 16.21
C PRO A 2 3.71 -33.20 15.82
N HIS A 3 2.67 -33.10 16.65
CA HIS A 3 1.62 -32.03 16.58
C HIS A 3 2.25 -30.68 16.93
N SER A 4 1.69 -29.59 16.40
CA SER A 4 2.24 -28.23 16.62
C SER A 4 1.12 -27.21 16.60
N LEU A 5 1.30 -26.16 17.40
CA LEU A 5 0.50 -24.94 17.33
C LEU A 5 1.42 -23.82 16.85
N SER A 6 1.07 -23.05 15.81
CA SER A 6 1.94 -21.94 15.33
C SER A 6 1.12 -20.76 14.81
N TYR A 7 1.64 -19.54 15.03
CA TYR A 7 1.03 -18.28 14.54
C TYR A 7 1.97 -17.65 13.51
N PHE A 8 1.40 -17.15 12.40
CA PHE A 8 2.07 -16.39 11.32
C PHE A 8 1.53 -14.96 11.28
N TYR A 9 2.32 -13.99 11.69
CA TYR A 9 1.97 -12.56 11.61
C TYR A 9 2.54 -11.99 10.33
N THR A 10 1.83 -11.08 9.67
CA THR A 10 2.36 -10.26 8.55
C THR A 10 1.91 -8.82 8.73
N ALA A 11 2.84 -7.90 8.93
CA ALA A 11 2.58 -6.45 8.93
C ALA A 11 3.12 -5.89 7.61
N VAL A 12 2.30 -5.19 6.83
CA VAL A 12 2.78 -4.53 5.58
C VAL A 12 2.43 -3.03 5.66
N SER A 13 3.40 -2.17 5.39
CA SER A 13 3.16 -0.70 5.34
C SER A 13 2.44 -0.40 4.03
N ARG A 14 1.56 0.60 4.08
CA ARG A 14 0.82 1.15 2.91
C ARG A 14 1.05 2.65 2.82
N PRO A 15 2.15 3.08 2.16
CA PRO A 15 2.48 4.50 2.00
C PRO A 15 1.37 5.40 1.42
N ASP A 16 0.60 4.88 0.45
CA ASP A 16 -0.49 5.66 -0.21
C ASP A 16 -1.56 6.03 0.83
N ARG A 17 -1.95 5.07 1.67
CA ARG A 17 -2.99 5.25 2.72
C ARG A 17 -2.36 5.85 4.00
N GLY A 18 -1.03 5.90 4.09
CA GLY A 18 -0.32 6.48 5.24
C GLY A 18 -0.50 5.64 6.51
N ASP A 19 -0.60 4.33 6.37
CA ASP A 19 -0.88 3.40 7.49
C ASP A 19 -0.23 2.06 7.16
N SER A 20 -0.78 0.98 7.67
CA SER A 20 -0.20 -0.38 7.64
C SER A 20 -1.35 -1.36 7.78
N ARG A 21 -1.13 -2.61 7.41
CA ARG A 21 -2.18 -3.65 7.48
C ARG A 21 -1.58 -4.84 8.20
N PHE A 22 -2.28 -5.36 9.20
CA PHE A 22 -1.78 -6.49 10.01
C PHE A 22 -2.61 -7.73 9.75
N PHE A 23 -1.98 -8.82 9.33
CA PHE A 23 -2.64 -10.14 9.18
C PHE A 23 -2.10 -11.10 10.23
N ILE A 24 -2.98 -11.88 10.85
CA ILE A 24 -2.62 -13.07 11.66
C ILE A 24 -3.30 -14.29 11.06
N VAL A 25 -2.61 -15.43 10.99
CA VAL A 25 -3.30 -16.74 10.90
C VAL A 25 -2.67 -17.70 11.88
N GLY A 26 -3.49 -18.58 12.40
CA GLY A 26 -3.12 -19.58 13.41
C GLY A 26 -3.40 -20.96 12.86
N TYR A 27 -2.51 -21.89 13.15
CA TYR A 27 -2.47 -23.23 12.54
C TYR A 27 -2.27 -24.23 13.68
N VAL A 28 -2.95 -25.37 13.61
CA VAL A 28 -2.57 -26.59 14.36
C VAL A 28 -2.22 -27.60 13.27
N ASP A 29 -0.97 -28.08 13.26
CA ASP A 29 -0.41 -28.90 12.16
C ASP A 29 -0.63 -28.15 10.84
N ASP A 30 -1.28 -28.79 9.88
CA ASP A 30 -1.51 -28.25 8.51
C ASP A 30 -2.94 -27.71 8.37
N THR A 31 -3.60 -27.39 9.49
CA THR A 31 -5.02 -26.97 9.55
C THR A 31 -5.13 -25.54 10.08
N GLN A 32 -5.60 -24.59 9.26
CA GLN A 32 -5.83 -23.19 9.71
C GLN A 32 -7.00 -23.22 10.68
N PHE A 33 -6.97 -22.45 11.77
CA PHE A 33 -8.10 -22.42 12.72
C PHE A 33 -8.47 -21.00 13.15
N VAL A 34 -7.70 -19.97 12.85
CA VAL A 34 -8.12 -18.57 13.16
C VAL A 34 -7.47 -17.63 12.15
N ARG A 35 -8.03 -16.43 12.00
CA ARG A 35 -7.48 -15.35 11.15
C ARG A 35 -7.81 -14.02 11.81
N PHE A 36 -7.05 -12.99 11.48
CA PHE A 36 -7.32 -11.59 11.86
C PHE A 36 -6.77 -10.75 10.72
N ASP A 37 -7.37 -9.59 10.48
CA ASP A 37 -7.04 -8.69 9.37
C ASP A 37 -7.46 -7.29 9.82
N SER A 38 -6.52 -6.42 10.11
CA SER A 38 -6.75 -5.07 10.70
C SER A 38 -7.59 -4.20 9.75
N ASP A 39 -7.73 -4.60 8.49
CA ASP A 39 -8.62 -3.91 7.51
C ASP A 39 -10.11 -4.28 7.68
N ALA A 40 -10.44 -5.45 8.23
CA ALA A 40 -11.84 -5.84 8.50
C ALA A 40 -12.48 -4.73 9.34
N PRO A 41 -13.73 -4.33 9.03
CA PRO A 41 -14.43 -3.34 9.86
C PRO A 41 -14.68 -4.01 11.20
N ASN A 42 -14.49 -3.26 12.28
CA ASN A 42 -14.62 -3.77 13.67
C ASN A 42 -13.78 -5.06 13.80
N ALA A 43 -12.50 -5.04 13.44
CA ALA A 43 -11.69 -6.27 13.25
C ALA A 43 -11.68 -7.11 14.53
N LYS A 44 -11.95 -8.41 14.38
CA LYS A 44 -11.86 -9.42 15.46
C LYS A 44 -11.08 -10.63 14.97
N MET A 45 -10.49 -11.37 15.89
CA MET A 45 -10.04 -12.76 15.62
C MET A 45 -11.29 -13.59 15.32
N GLU A 46 -11.32 -14.26 14.17
CA GLU A 46 -12.47 -15.00 13.61
C GLU A 46 -12.10 -16.48 13.53
N PRO A 47 -13.08 -17.38 13.73
CA PRO A 47 -12.84 -18.81 13.59
C PRO A 47 -12.79 -19.21 12.12
N ARG A 48 -11.96 -20.20 11.79
CA ARG A 48 -11.76 -20.68 10.41
C ARG A 48 -11.61 -22.20 10.41
N ALA A 49 -11.99 -22.85 11.51
CA ALA A 49 -12.26 -24.30 11.55
C ALA A 49 -13.53 -24.52 12.38
N GLN A 50 -14.23 -25.62 12.10
CA GLN A 50 -15.52 -25.98 12.74
C GLN A 50 -15.28 -26.02 14.25
N TRP A 51 -14.24 -26.78 14.63
CA TRP A 51 -13.96 -27.13 16.05
C TRP A 51 -13.62 -25.92 16.92
N ILE A 52 -13.30 -24.76 16.37
CA ILE A 52 -12.86 -23.64 17.26
C ILE A 52 -14.06 -22.76 17.61
N GLN A 53 -15.19 -22.91 16.90
CA GLN A 53 -16.37 -22.02 17.11
C GLN A 53 -16.91 -22.20 18.53
N GLN A 54 -16.77 -23.42 19.09
CA GLN A 54 -17.27 -23.82 20.44
C GLN A 54 -16.66 -22.99 21.58
N GLU A 55 -15.52 -22.31 21.36
CA GLU A 55 -14.89 -21.43 22.39
C GLU A 55 -15.88 -20.31 22.72
N GLY A 56 -15.84 -19.78 23.96
CA GLY A 56 -16.72 -18.72 24.48
C GLY A 56 -16.19 -17.33 24.18
N GLN A 57 -16.97 -16.30 24.50
CA GLN A 57 -16.70 -14.88 24.12
C GLN A 57 -15.39 -14.36 24.76
N GLU A 58 -15.05 -14.83 25.97
CA GLU A 58 -13.81 -14.47 26.68
C GLU A 58 -12.58 -14.95 25.87
N TYR A 59 -12.65 -16.13 25.24
CA TYR A 59 -11.56 -16.62 24.36
C TYR A 59 -11.35 -15.66 23.18
N TRP A 60 -12.44 -15.31 22.46
CA TRP A 60 -12.43 -14.43 21.27
C TRP A 60 -12.05 -13.00 21.65
N ASP A 61 -12.46 -12.55 22.84
CA ASP A 61 -12.16 -11.17 23.29
C ASP A 61 -10.68 -10.99 23.57
N ARG A 62 -10.02 -12.00 24.15
CA ARG A 62 -8.56 -11.89 24.47
C ARG A 62 -7.77 -11.92 23.16
N GLU A 63 -7.95 -12.98 22.36
CA GLU A 63 -7.23 -13.16 21.06
C GLU A 63 -7.40 -11.90 20.22
N THR A 64 -8.57 -11.26 20.28
CA THR A 64 -8.87 -10.00 19.55
C THR A 64 -8.04 -8.86 20.13
N GLN A 65 -7.95 -8.74 21.45
CA GLN A 65 -7.19 -7.64 22.11
C GLN A 65 -5.71 -7.77 21.73
N ILE A 66 -5.15 -8.97 21.82
CA ILE A 66 -3.72 -9.20 21.46
C ILE A 66 -3.52 -8.85 19.99
N SER A 67 -4.40 -9.33 19.11
CA SER A 67 -4.40 -8.97 17.68
C SER A 67 -4.29 -7.46 17.54
N LYS A 68 -5.18 -6.71 18.18
CA LYS A 68 -5.28 -5.24 17.98
C LYS A 68 -4.00 -4.58 18.50
N ASP A 69 -3.51 -5.00 19.66
CA ASP A 69 -2.21 -4.52 20.23
C ASP A 69 -1.08 -4.85 19.23
N ASN A 70 -1.03 -6.09 18.78
CA ASN A 70 -0.03 -6.55 17.78
C ASN A 70 -0.09 -5.65 16.54
N ALA A 71 -1.28 -5.29 16.10
CA ALA A 71 -1.46 -4.48 14.87
C ALA A 71 -0.94 -3.06 15.11
N GLN A 72 -1.22 -2.46 16.26
CA GLN A 72 -0.88 -1.04 16.57
C GLN A 72 0.63 -0.89 16.77
N ILE A 73 1.29 -1.84 17.47
CA ILE A 73 2.76 -1.74 17.77
C ILE A 73 3.53 -2.03 16.48
N ASN A 74 3.05 -3.00 15.68
CA ASN A 74 3.72 -3.46 14.43
C ASN A 74 3.67 -2.34 13.39
N ARG A 75 2.76 -1.36 13.52
CA ARG A 75 2.78 -0.15 12.66
C ARG A 75 4.02 0.70 12.98
N VAL A 76 4.31 0.97 14.26
CA VAL A 76 5.56 1.69 14.69
C VAL A 76 6.76 0.77 14.39
N ASN A 77 6.66 -0.53 14.65
CA ASN A 77 7.83 -1.44 14.41
C ASN A 77 8.28 -1.28 12.96
N LEU A 78 7.36 -1.25 11.99
CA LEU A 78 7.71 -1.04 10.57
C LEU A 78 8.43 0.30 10.40
N ASN A 79 7.98 1.32 11.12
CA ASN A 79 8.56 2.69 11.05
C ASN A 79 9.96 2.68 11.65
N THR A 80 10.14 1.91 12.73
CA THR A 80 11.43 1.72 13.46
C THR A 80 12.44 1.09 12.49
N LEU A 81 12.07 -0.03 11.85
CA LEU A 81 12.99 -0.77 10.92
C LEU A 81 13.26 0.10 9.69
N ARG A 82 12.32 0.91 9.28
CA ARG A 82 12.53 1.81 8.12
C ARG A 82 13.73 2.69 8.45
N GLY A 83 13.69 3.29 9.64
CA GLY A 83 14.75 4.13 10.23
C GLY A 83 16.08 3.42 10.20
N TYR A 84 16.16 2.22 10.80
CA TYR A 84 17.44 1.46 10.91
C TYR A 84 18.01 1.21 9.51
N TYR A 85 17.17 1.11 8.50
CA TYR A 85 17.67 0.81 7.13
C TYR A 85 17.78 2.07 6.27
N ASN A 86 17.57 3.26 6.85
CA ASN A 86 17.58 4.54 6.12
C ASN A 86 16.69 4.43 4.88
N GLN A 87 15.48 3.93 5.04
CA GLN A 87 14.58 3.75 3.87
C GLN A 87 13.57 4.89 3.81
N SER A 88 13.18 5.24 2.59
CA SER A 88 12.17 6.29 2.27
C SER A 88 10.79 5.86 2.83
N GLU A 89 9.90 6.81 3.12
CA GLU A 89 8.50 6.43 3.44
C GLU A 89 7.67 6.23 2.15
N ALA A 90 8.29 6.30 0.97
CA ALA A 90 7.70 6.04 -0.38
C ALA A 90 7.43 4.54 -0.60
N GLY A 91 8.25 3.65 -0.05
CA GLY A 91 8.19 2.20 -0.34
C GLY A 91 7.33 1.45 0.67
N SER A 92 6.62 0.42 0.21
CA SER A 92 6.03 -0.62 1.09
C SER A 92 7.13 -1.57 1.55
N HIS A 93 7.06 -1.96 2.82
CA HIS A 93 7.95 -2.96 3.48
C HIS A 93 7.06 -3.92 4.25
N THR A 94 7.58 -5.09 4.60
CA THR A 94 6.80 -6.18 5.24
C THR A 94 7.60 -6.61 6.46
N LEU A 95 6.90 -6.92 7.55
CA LEU A 95 7.52 -7.50 8.74
C LEU A 95 6.76 -8.78 9.09
N GLN A 96 7.43 -9.92 8.97
CA GLN A 96 6.83 -11.24 9.25
C GLN A 96 7.36 -11.75 10.58
N ARG A 97 6.56 -12.52 11.30
CA ARG A 97 7.01 -13.24 12.51
C ARG A 97 6.25 -14.56 12.53
N MET A 98 6.92 -15.63 12.91
CA MET A 98 6.26 -16.95 13.11
C MET A 98 6.73 -17.50 14.44
N TYR A 99 5.87 -18.17 15.17
CA TYR A 99 6.27 -18.79 16.46
C TYR A 99 5.31 -19.93 16.76
N GLY A 100 5.82 -20.90 17.48
CA GLY A 100 5.04 -22.09 17.83
C GLY A 100 5.78 -22.99 18.78
N CYS A 101 5.07 -24.03 19.20
CA CYS A 101 5.57 -25.12 20.04
C CYS A 101 5.21 -26.41 19.33
N TYR A 102 6.16 -27.32 19.23
CA TYR A 102 5.93 -28.74 18.88
C TYR A 102 5.72 -29.49 20.22
N LEU A 103 4.99 -30.60 20.19
CA LEU A 103 4.57 -31.32 21.41
C LEU A 103 5.39 -32.60 21.55
N GLY A 104 6.24 -32.65 22.58
CA GLY A 104 7.05 -33.84 22.93
C GLY A 104 6.20 -34.95 23.54
N PRO A 105 6.47 -36.24 23.19
CA PRO A 105 5.78 -37.40 23.76
C PRO A 105 5.35 -37.36 25.23
N ASP A 106 6.08 -36.65 26.10
CA ASP A 106 5.83 -36.59 27.57
C ASP A 106 4.65 -35.65 27.91
N GLY A 107 4.27 -34.73 27.00
CA GLY A 107 3.27 -33.68 27.25
C GLY A 107 3.94 -32.33 27.47
N LEU A 108 5.27 -32.27 27.31
CA LEU A 108 6.07 -31.02 27.38
C LEU A 108 6.49 -30.60 25.98
N LEU A 109 6.96 -29.35 25.89
CA LEU A 109 7.60 -28.75 24.69
C LEU A 109 8.66 -29.71 24.14
N LEU A 110 8.62 -30.03 22.85
CA LEU A 110 9.76 -30.68 22.18
C LEU A 110 10.73 -29.59 21.72
N ARG A 111 10.27 -28.75 20.80
CA ARG A 111 11.03 -27.68 20.10
C ARG A 111 10.12 -26.44 20.17
N GLY A 112 10.65 -25.27 20.41
CA GLY A 112 9.86 -24.01 20.35
C GLY A 112 10.59 -23.04 19.46
N TYR A 113 9.89 -22.16 18.73
CA TYR A 113 10.55 -21.22 17.80
C TYR A 113 9.87 -19.85 17.87
N ASP A 114 10.59 -18.81 17.50
CA ASP A 114 10.09 -17.43 17.45
C ASP A 114 11.04 -16.58 16.60
N GLN A 115 10.83 -16.60 15.29
CA GLN A 115 11.67 -15.96 14.25
C GLN A 115 10.90 -14.77 13.69
N ASP A 116 11.61 -13.74 13.23
CA ASP A 116 10.98 -12.65 12.45
C ASP A 116 11.86 -12.34 11.22
N ALA A 117 11.29 -11.57 10.30
CA ALA A 117 11.88 -11.27 8.98
C ALA A 117 11.40 -9.91 8.49
N TYR A 118 12.25 -9.20 7.76
CA TYR A 118 11.97 -7.86 7.20
C TYR A 118 12.21 -7.95 5.71
N ASP A 119 11.20 -7.63 4.90
CA ASP A 119 11.18 -7.76 3.40
C ASP A 119 11.67 -9.15 3.01
N GLY A 120 11.29 -10.15 3.80
CA GLY A 120 11.43 -11.59 3.49
C GLY A 120 12.80 -12.15 3.79
N ALA A 121 13.67 -11.43 4.52
CA ALA A 121 14.99 -11.90 4.96
C ALA A 121 15.01 -12.05 6.49
N ASP A 122 15.58 -13.14 6.99
CA ASP A 122 15.76 -13.37 8.46
C ASP A 122 16.20 -12.07 9.13
N TYR A 123 15.57 -11.72 10.25
CA TYR A 123 15.93 -10.53 11.05
C TYR A 123 16.49 -10.99 12.40
N ILE A 124 15.66 -11.53 13.28
CA ILE A 124 16.10 -12.20 14.54
C ILE A 124 15.39 -13.54 14.65
N ALA A 125 16.09 -14.50 15.26
CA ALA A 125 15.58 -15.82 15.68
C ALA A 125 15.94 -15.97 17.14
N LEU A 126 15.00 -16.50 17.94
CA LEU A 126 15.28 -17.10 19.26
C LEU A 126 15.92 -18.48 19.08
N ASN A 127 17.04 -18.71 19.75
CA ASN A 127 17.89 -19.94 19.64
C ASN A 127 17.16 -21.08 20.35
N GLU A 128 17.52 -22.33 20.03
CA GLU A 128 16.92 -23.58 20.58
C GLU A 128 16.78 -23.48 22.09
N ASP A 129 17.78 -22.91 22.76
CA ASP A 129 17.90 -22.84 24.26
C ASP A 129 16.76 -21.98 24.82
N LEU A 130 16.17 -21.09 24.00
CA LEU A 130 15.05 -20.18 24.40
C LEU A 130 15.56 -19.15 25.41
N ARG A 131 16.89 -18.95 25.48
CA ARG A 131 17.53 -18.02 26.45
C ARG A 131 18.28 -16.91 25.74
N SER A 132 18.59 -17.10 24.46
CA SER A 132 19.39 -16.14 23.68
C SER A 132 18.77 -15.96 22.31
N TRP A 133 19.30 -14.99 21.57
CA TRP A 133 18.82 -14.56 20.25
C TRP A 133 20.00 -14.60 19.29
N THR A 134 19.72 -14.70 18.00
CA THR A 134 20.66 -14.53 16.87
C THR A 134 20.13 -13.42 15.96
N ALA A 135 20.99 -12.48 15.57
CA ALA A 135 20.62 -11.33 14.71
C ALA A 135 21.39 -11.38 13.39
N ALA A 136 20.68 -11.10 12.29
CA ALA A 136 21.11 -11.20 10.88
C ALA A 136 22.11 -10.10 10.52
N ASP A 137 21.98 -8.89 11.10
CA ASP A 137 22.66 -7.68 10.54
C ASP A 137 22.67 -6.53 11.56
N MET A 138 23.13 -5.35 11.15
CA MET A 138 23.34 -4.19 12.06
C MET A 138 22.00 -3.78 12.67
N ALA A 139 20.96 -3.65 11.87
CA ALA A 139 19.60 -3.24 12.31
C ALA A 139 19.12 -4.18 13.40
N ALA A 140 19.22 -5.48 13.13
CA ALA A 140 18.68 -6.58 13.95
C ALA A 140 19.42 -6.66 15.26
N GLN A 141 20.71 -6.30 15.23
CA GLN A 141 21.58 -6.25 16.43
C GLN A 141 21.00 -5.19 17.37
N ILE A 142 20.57 -4.03 16.86
CA ILE A 142 19.96 -2.96 17.70
C ILE A 142 18.73 -3.54 18.39
N SER A 143 17.89 -4.24 17.65
CA SER A 143 16.62 -4.83 18.16
C SER A 143 16.97 -5.92 19.19
N LYS A 144 17.97 -6.76 18.88
CA LYS A 144 18.47 -7.84 19.78
C LYS A 144 18.83 -7.27 21.15
N ARG A 145 19.52 -6.14 21.15
CA ARG A 145 19.98 -5.45 22.38
C ARG A 145 18.79 -5.11 23.26
N LYS A 146 17.80 -4.40 22.70
CA LYS A 146 16.59 -4.00 23.46
C LYS A 146 15.94 -5.24 24.09
N ARG A 147 15.87 -6.34 23.35
CA ARG A 147 15.20 -7.56 23.84
C ARG A 147 15.96 -8.10 25.06
N GLU A 148 17.30 -8.11 24.97
CA GLU A 148 18.20 -8.58 26.06
C GLU A 148 17.97 -7.66 27.26
N ALA A 149 18.01 -6.35 27.01
CA ALA A 149 17.80 -5.32 28.05
C ALA A 149 16.53 -5.62 28.83
N ALA A 150 15.47 -6.12 28.19
CA ALA A 150 14.12 -6.26 28.79
C ALA A 150 13.85 -7.72 29.19
N ASP A 151 14.84 -8.61 29.13
CA ASP A 151 14.71 -10.05 29.50
C ASP A 151 13.53 -10.65 28.72
N GLU A 152 13.48 -10.45 27.43
CA GLU A 152 12.30 -10.87 26.63
C GLU A 152 12.35 -12.39 26.47
N ALA A 153 13.53 -12.99 26.36
CA ALA A 153 13.67 -14.43 26.05
C ALA A 153 12.93 -15.27 27.11
N GLU A 154 12.91 -14.81 28.37
CA GLU A 154 12.25 -15.60 29.46
C GLU A 154 10.75 -15.58 29.18
N ARG A 155 10.18 -14.43 28.81
CA ARG A 155 8.73 -14.33 28.54
C ARG A 155 8.38 -15.27 27.37
N MET A 156 9.20 -15.33 26.30
CA MET A 156 8.89 -16.23 25.15
C MET A 156 8.96 -17.66 25.66
N ARG A 157 10.03 -18.01 26.40
CA ARG A 157 10.31 -19.35 26.94
C ARG A 157 9.12 -19.78 27.82
N SER A 158 8.65 -18.92 28.74
CA SER A 158 7.48 -19.21 29.62
C SER A 158 6.26 -19.52 28.74
N TYR A 159 5.98 -18.65 27.77
CA TYR A 159 4.88 -18.87 26.80
C TYR A 159 5.04 -20.24 26.13
N LEU A 160 6.18 -20.48 25.51
CA LEU A 160 6.34 -21.70 24.68
C LEU A 160 6.26 -22.95 25.60
N GLN A 161 6.75 -22.86 26.83
CA GLN A 161 6.88 -24.04 27.72
C GLN A 161 5.55 -24.28 28.44
N GLY A 162 4.79 -23.22 28.74
CA GLY A 162 3.48 -23.27 29.41
C GLY A 162 2.28 -23.14 28.45
N ARG A 163 1.77 -21.91 28.30
CA ARG A 163 0.49 -21.62 27.59
C ARG A 163 0.40 -22.32 26.24
N CYS A 164 1.49 -22.30 25.47
CA CYS A 164 1.50 -22.78 24.07
C CYS A 164 1.12 -24.27 24.04
N VAL A 165 1.83 -25.10 24.80
CA VAL A 165 1.60 -26.59 24.80
C VAL A 165 0.29 -26.90 25.52
N GLU A 166 -0.09 -26.10 26.53
CA GLU A 166 -1.35 -26.27 27.30
C GLU A 166 -2.54 -26.18 26.33
N TRP A 167 -2.58 -25.10 25.52
CA TRP A 167 -3.67 -24.83 24.57
C TRP A 167 -3.56 -25.74 23.34
N LEU A 168 -2.36 -26.14 22.95
CA LEU A 168 -2.20 -27.09 21.82
C LEU A 168 -2.88 -28.40 22.21
N GLN A 169 -2.61 -28.93 23.40
CA GLN A 169 -3.29 -30.16 23.92
C GLN A 169 -4.81 -29.93 23.99
N LYS A 170 -5.23 -28.73 24.42
CA LYS A 170 -6.65 -28.32 24.53
C LYS A 170 -7.33 -28.42 23.16
N TYR A 171 -6.63 -27.98 22.10
CA TYR A 171 -7.15 -27.84 20.71
C TYR A 171 -7.21 -29.20 20.04
N LEU A 172 -6.24 -30.07 20.31
CA LEU A 172 -6.20 -31.44 19.76
C LEU A 172 -7.34 -32.27 20.33
N GLU A 173 -7.81 -31.93 21.54
CA GLU A 173 -9.03 -32.55 22.13
C GLU A 173 -10.25 -31.96 21.40
N MET A 174 -10.39 -30.63 21.41
CA MET A 174 -11.55 -29.92 20.78
C MET A 174 -11.83 -30.44 19.35
N GLY A 175 -10.80 -30.59 18.50
CA GLY A 175 -10.95 -31.07 17.11
C GLY A 175 -10.26 -32.40 16.87
N LYS A 176 -10.33 -33.32 17.85
CA LYS A 176 -9.83 -34.73 17.76
C LYS A 176 -10.36 -35.38 16.48
N ASP A 177 -11.65 -35.18 16.18
CA ASP A 177 -12.37 -35.84 15.06
C ASP A 177 -11.62 -35.58 13.75
N THR A 178 -11.08 -34.37 13.58
CA THR A 178 -10.44 -33.89 12.32
C THR A 178 -8.91 -33.93 12.43
N LEU A 179 -8.32 -33.35 13.48
CA LEU A 179 -6.85 -33.07 13.62
C LEU A 179 -6.02 -34.36 13.86
N GLN A 180 -6.63 -35.46 14.30
CA GLN A 180 -5.90 -36.66 14.81
C GLN A 180 -6.26 -37.93 14.03
N ARG A 181 -7.28 -37.88 13.17
CA ARG A 181 -7.51 -38.93 12.16
C ARG A 181 -6.64 -38.58 10.94
N ALA A 182 -6.07 -39.60 10.30
CA ALA A 182 -5.46 -39.53 8.94
C ALA A 182 -6.51 -39.85 7.88
N GLU A 183 -6.47 -39.11 6.77
CA GLU A 183 -7.23 -39.43 5.53
C GLU A 183 -6.23 -40.00 4.54
N PRO A 184 -6.26 -41.30 4.21
CA PRO A 184 -5.33 -41.84 3.23
C PRO A 184 -5.62 -41.18 1.89
N PRO A 185 -4.64 -41.11 0.96
CA PRO A 185 -4.92 -40.69 -0.41
C PRO A 185 -5.87 -41.65 -1.15
N LYS A 186 -6.81 -41.10 -1.93
CA LYS A 186 -7.48 -41.78 -3.06
C LYS A 186 -6.55 -41.66 -4.27
N THR A 187 -6.13 -42.79 -4.86
CA THR A 187 -5.06 -42.86 -5.87
C THR A 187 -5.59 -43.49 -7.16
N HIS A 188 -5.08 -43.03 -8.31
CA HIS A 188 -5.24 -43.65 -9.66
C HIS A 188 -4.08 -43.24 -10.56
N VAL A 189 -3.82 -44.02 -11.61
CA VAL A 189 -2.73 -43.74 -12.57
C VAL A 189 -3.36 -43.46 -13.93
N THR A 190 -3.01 -42.34 -14.56
CA THR A 190 -3.56 -41.96 -15.88
C THR A 190 -2.48 -42.17 -16.93
N ARG A 191 -2.89 -42.23 -18.20
CA ARG A 191 -2.03 -42.51 -19.37
C ARG A 191 -2.40 -41.53 -20.47
N HIS A 192 -1.41 -40.77 -20.94
CA HIS A 192 -1.54 -39.78 -22.03
C HIS A 192 -0.32 -39.92 -22.93
N PRO A 193 -0.48 -40.40 -24.18
CA PRO A 193 0.58 -40.24 -25.17
C PRO A 193 0.62 -38.75 -25.49
N SER A 194 1.67 -38.03 -25.03
CA SER A 194 1.83 -36.54 -25.13
C SER A 194 2.73 -36.17 -26.33
N SER A 195 3.56 -37.11 -26.79
CA SER A 195 4.29 -37.04 -28.09
C SER A 195 4.09 -38.35 -28.85
N ASP A 196 4.75 -38.46 -30.01
CA ASP A 196 5.10 -39.74 -30.69
C ASP A 196 6.15 -40.45 -29.81
N LEU A 197 7.20 -39.71 -29.41
CA LEU A 197 8.32 -40.21 -28.56
C LEU A 197 7.89 -40.11 -27.08
N GLY A 198 7.27 -41.19 -26.55
CA GLY A 198 6.98 -41.35 -25.12
C GLY A 198 5.51 -41.24 -24.76
N VAL A 199 5.11 -41.99 -23.74
CA VAL A 199 3.75 -41.95 -23.13
C VAL A 199 3.90 -41.45 -21.70
N THR A 200 3.10 -40.46 -21.30
CA THR A 200 3.07 -39.91 -19.93
C THR A 200 2.20 -40.80 -19.05
N LEU A 201 2.80 -41.35 -17.99
CA LEU A 201 2.12 -42.01 -16.85
C LEU A 201 2.08 -41.01 -15.70
N ARG A 202 0.93 -40.87 -15.05
CA ARG A 202 0.73 -39.87 -13.97
C ARG A 202 0.06 -40.55 -12.78
N CYS A 203 0.74 -40.56 -11.64
CA CYS A 203 0.27 -41.16 -10.38
C CYS A 203 -0.28 -40.07 -9.45
N TRP A 204 -1.60 -40.09 -9.26
CA TRP A 204 -2.37 -39.12 -8.42
C TRP A 204 -2.54 -39.63 -6.98
N ALA A 205 -2.34 -38.75 -6.00
CA ALA A 205 -2.87 -38.86 -4.62
C ALA A 205 -3.79 -37.67 -4.32
N LEU A 206 -5.02 -37.93 -3.87
CA LEU A 206 -6.10 -36.89 -3.72
C LEU A 206 -6.71 -36.99 -2.32
N GLY A 207 -7.13 -35.85 -1.76
CA GLY A 207 -7.94 -35.82 -0.54
C GLY A 207 -7.21 -36.38 0.67
N PHE A 208 -5.87 -36.27 0.74
CA PHE A 208 -5.09 -36.81 1.90
C PHE A 208 -4.82 -35.72 2.94
N TYR A 209 -4.73 -36.17 4.20
CA TYR A 209 -4.39 -35.37 5.40
C TYR A 209 -3.62 -36.27 6.37
N PRO A 210 -2.49 -35.85 6.97
CA PRO A 210 -1.87 -34.54 6.71
C PRO A 210 -1.05 -34.41 5.42
N LYS A 211 -0.39 -33.25 5.26
CA LYS A 211 0.35 -32.76 4.07
C LYS A 211 1.50 -33.71 3.66
N GLU A 212 2.26 -34.25 4.63
CA GLU A 212 3.45 -35.12 4.35
C GLU A 212 2.99 -36.33 3.54
N ILE A 213 3.69 -36.67 2.46
CA ILE A 213 3.38 -37.82 1.57
C ILE A 213 4.63 -38.11 0.74
N SER A 214 4.79 -39.36 0.30
CA SER A 214 5.92 -39.83 -0.54
C SER A 214 5.37 -40.47 -1.82
N LEU A 215 5.61 -39.80 -2.96
CA LEU A 215 5.36 -40.29 -4.34
C LEU A 215 6.71 -40.60 -4.98
N SER A 216 6.83 -41.77 -5.60
CA SER A 216 8.03 -42.26 -6.31
C SER A 216 7.57 -43.19 -7.44
N TRP A 217 8.39 -43.35 -8.47
CA TRP A 217 8.08 -44.26 -9.60
C TRP A 217 9.18 -45.32 -9.68
N GLN A 218 8.79 -46.58 -9.95
CA GLN A 218 9.73 -47.72 -10.05
C GLN A 218 9.49 -48.53 -11.33
N ARG A 219 10.56 -49.24 -11.71
CA ARG A 219 10.75 -50.04 -12.95
C ARG A 219 11.84 -51.05 -12.63
N GLU A 220 11.49 -52.31 -12.38
CA GLU A 220 12.49 -53.36 -12.09
C GLU A 220 13.36 -52.93 -10.90
N GLY A 221 12.71 -52.71 -9.74
CA GLY A 221 13.36 -52.38 -8.46
C GLY A 221 14.23 -51.14 -8.55
N GLN A 222 14.15 -50.40 -9.67
CA GLN A 222 14.99 -49.20 -9.99
C GLN A 222 14.13 -47.94 -9.82
N ASP A 223 14.54 -47.04 -8.94
CA ASP A 223 13.78 -45.78 -8.64
C ASP A 223 13.98 -44.82 -9.83
N GLN A 224 12.96 -44.06 -10.22
CA GLN A 224 12.96 -43.17 -11.40
C GLN A 224 12.81 -41.71 -10.94
N SER A 225 13.21 -41.39 -9.71
CA SER A 225 13.09 -40.03 -9.11
C SER A 225 13.71 -39.00 -10.06
N GLN A 226 14.94 -39.23 -10.50
CA GLN A 226 15.71 -38.40 -11.47
C GLN A 226 14.82 -37.95 -12.66
N ASP A 227 14.00 -38.85 -13.19
CA ASP A 227 13.28 -38.66 -14.49
C ASP A 227 11.87 -38.09 -14.30
N MET A 228 11.24 -38.28 -13.13
CA MET A 228 9.80 -38.01 -12.94
C MET A 228 9.61 -36.51 -12.67
N GLU A 229 8.45 -35.94 -12.99
CA GLU A 229 8.07 -34.58 -12.57
C GLU A 229 7.15 -34.70 -11.35
N LEU A 230 7.51 -34.05 -10.24
CA LEU A 230 6.76 -34.13 -8.97
C LEU A 230 6.22 -32.73 -8.65
N VAL A 231 4.90 -32.47 -8.75
CA VAL A 231 4.33 -31.12 -8.46
C VAL A 231 4.38 -30.81 -6.96
N GLU A 232 4.50 -29.51 -6.65
CA GLU A 232 4.42 -28.99 -5.27
C GLU A 232 3.09 -29.47 -4.68
N THR A 233 3.11 -30.08 -3.48
CA THR A 233 1.88 -30.54 -2.75
C THR A 233 0.97 -29.33 -2.59
N ARG A 234 -0.29 -29.48 -2.98
CA ARG A 234 -1.27 -28.38 -3.10
C ARG A 234 -2.57 -28.72 -2.39
N PRO A 235 -3.27 -27.70 -1.86
CA PRO A 235 -4.53 -27.92 -1.16
C PRO A 235 -5.71 -28.26 -2.11
N SER A 236 -6.63 -29.06 -1.58
CA SER A 236 -7.84 -29.60 -2.25
C SER A 236 -8.96 -28.56 -2.15
N GLY A 237 -8.94 -27.77 -1.06
CA GLY A 237 -9.94 -26.72 -0.79
C GLY A 237 -10.82 -27.07 0.40
N ASP A 238 -10.83 -28.34 0.83
CA ASP A 238 -11.74 -28.83 1.90
C ASP A 238 -10.94 -29.20 3.15
N GLY A 239 -9.66 -28.84 3.25
CA GLY A 239 -8.81 -29.20 4.41
C GLY A 239 -7.91 -30.39 4.12
N THR A 240 -7.97 -30.97 2.92
CA THR A 240 -7.05 -32.06 2.47
C THR A 240 -6.06 -31.55 1.41
N PHE A 241 -5.22 -32.46 0.92
CA PHE A 241 -4.10 -32.16 0.00
C PHE A 241 -4.21 -33.08 -1.23
N GLN A 242 -3.47 -32.70 -2.29
CA GLN A 242 -3.25 -33.55 -3.48
C GLN A 242 -1.84 -33.32 -4.00
N LYS A 243 -1.39 -34.28 -4.78
CA LYS A 243 -0.02 -34.35 -5.35
C LYS A 243 -0.09 -35.30 -6.52
N TRP A 244 0.72 -35.08 -7.53
CA TRP A 244 0.96 -36.14 -8.54
C TRP A 244 2.43 -36.16 -8.90
N ALA A 245 2.85 -37.33 -9.38
CA ALA A 245 4.19 -37.60 -9.93
C ALA A 245 3.97 -38.16 -11.32
N ALA A 246 4.57 -37.59 -12.36
CA ALA A 246 4.45 -38.08 -13.76
C ALA A 246 5.79 -38.59 -14.23
N LEU A 247 5.81 -39.65 -15.02
CA LEU A 247 7.05 -39.99 -15.77
C LEU A 247 6.69 -40.50 -17.16
N VAL A 248 7.64 -40.28 -18.07
CA VAL A 248 7.53 -40.57 -19.52
C VAL A 248 8.18 -41.93 -19.73
N VAL A 249 7.54 -42.81 -20.51
CA VAL A 249 7.98 -44.22 -20.63
C VAL A 249 7.86 -44.61 -22.09
N PRO A 250 8.59 -45.64 -22.56
CA PRO A 250 8.49 -46.06 -23.95
C PRO A 250 7.13 -46.68 -24.26
N PRO A 251 6.53 -46.41 -25.45
CA PRO A 251 5.30 -47.09 -25.86
C PRO A 251 5.45 -48.62 -25.83
N GLY A 252 4.55 -49.28 -25.09
CA GLY A 252 4.49 -50.76 -24.95
C GLY A 252 4.92 -51.21 -23.57
N GLU A 253 5.50 -50.30 -22.78
CA GLU A 253 6.21 -50.60 -21.52
C GLU A 253 5.44 -50.10 -20.29
N GLU A 254 4.25 -49.50 -20.46
CA GLU A 254 3.46 -48.83 -19.37
C GLU A 254 3.30 -49.73 -18.12
N GLN A 255 3.02 -51.03 -18.29
CA GLN A 255 2.63 -51.97 -17.20
C GLN A 255 3.89 -52.49 -16.51
N SER A 256 5.05 -52.02 -16.93
CA SER A 256 6.39 -52.39 -16.39
C SER A 256 6.76 -51.43 -15.24
N TYR A 257 6.06 -50.30 -15.13
CA TYR A 257 6.27 -49.21 -14.14
C TYR A 257 5.24 -49.33 -13.01
N THR A 258 5.70 -49.22 -11.75
CA THR A 258 4.84 -49.12 -10.53
C THR A 258 5.08 -47.79 -9.80
N CYS A 259 4.00 -47.16 -9.34
CA CYS A 259 4.02 -45.94 -8.49
C CYS A 259 3.88 -46.40 -7.03
N HIS A 260 4.70 -45.80 -6.15
CA HIS A 260 4.81 -46.11 -4.71
C HIS A 260 4.29 -44.92 -3.89
N VAL A 261 3.30 -45.19 -3.03
CA VAL A 261 2.61 -44.16 -2.20
C VAL A 261 2.72 -44.53 -0.73
N GLN A 262 3.49 -43.75 0.03
CA GLN A 262 3.62 -43.86 1.51
C GLN A 262 2.97 -42.62 2.13
N HIS A 263 2.09 -42.85 3.09
CA HIS A 263 1.34 -41.82 3.85
C HIS A 263 0.92 -42.41 5.20
N GLU A 264 0.91 -41.57 6.23
CA GLU A 264 0.47 -41.86 7.63
C GLU A 264 -0.83 -42.69 7.68
N GLY A 265 -1.79 -42.46 6.78
CA GLY A 265 -3.16 -43.00 6.86
C GLY A 265 -3.35 -44.32 6.12
N LEU A 266 -2.29 -44.87 5.52
CA LEU A 266 -2.33 -46.20 4.85
C LEU A 266 -1.79 -47.24 5.82
N GLN A 267 -2.50 -48.37 5.97
CA GLN A 267 -2.05 -49.55 6.76
C GLN A 267 -0.59 -49.87 6.42
N GLU A 268 -0.26 -49.95 5.13
CA GLU A 268 1.14 -50.09 4.64
C GLU A 268 1.28 -49.44 3.27
N PRO A 269 2.52 -49.10 2.82
CA PRO A 269 2.69 -48.43 1.54
C PRO A 269 1.92 -49.12 0.40
N LEU A 270 1.45 -48.31 -0.56
CA LEU A 270 0.63 -48.72 -1.72
C LEU A 270 1.53 -48.93 -2.94
N THR A 271 1.07 -49.75 -3.88
CA THR A 271 1.74 -50.09 -5.16
C THR A 271 0.64 -50.11 -6.24
N LEU A 272 0.62 -49.11 -7.15
CA LEU A 272 -0.29 -49.04 -8.33
C LEU A 272 0.54 -49.31 -9.59
N ARG A 273 -0.12 -49.76 -10.66
CA ARG A 273 0.36 -49.69 -12.07
C ARG A 273 -0.81 -49.20 -12.95
N TRP A 274 -0.55 -48.79 -14.19
CA TRP A 274 -1.65 -48.38 -15.09
C TRP A 274 -2.45 -49.60 -15.62
N ASP A 275 -3.76 -49.38 -15.90
CA ASP A 275 -4.79 -50.35 -16.38
C ASP A 275 -4.30 -51.79 -16.19
N ALA B 2 12.91 -10.17 -3.73
CA ALA B 2 11.63 -10.39 -4.53
C ALA B 2 11.69 -11.73 -5.31
N ARG B 3 10.78 -12.65 -4.97
CA ARG B 3 10.67 -14.00 -5.57
C ARG B 3 9.30 -14.10 -6.27
N PRO B 4 9.26 -14.68 -7.49
CA PRO B 4 8.03 -14.77 -8.24
C PRO B 4 7.06 -15.84 -7.77
N PRO B 5 5.76 -15.67 -8.09
CA PRO B 5 4.75 -16.64 -7.75
C PRO B 5 4.91 -17.86 -8.65
N LYS B 6 4.79 -19.04 -8.08
CA LYS B 6 4.51 -20.28 -8.83
C LYS B 6 2.98 -20.48 -8.79
N VAL B 7 2.40 -21.01 -9.85
CA VAL B 7 0.93 -21.05 -10.06
C VAL B 7 0.55 -22.47 -10.45
N GLN B 8 -0.44 -23.05 -9.75
CA GLN B 8 -1.08 -24.32 -10.18
C GLN B 8 -2.59 -24.13 -10.29
N VAL B 9 -3.18 -24.45 -11.44
CA VAL B 9 -4.66 -24.45 -11.68
C VAL B 9 -5.12 -25.90 -11.83
N TYR B 10 -6.02 -26.35 -10.97
CA TYR B 10 -6.44 -27.76 -10.89
C TYR B 10 -7.84 -27.83 -10.28
N SER B 11 -8.52 -28.96 -10.47
CA SER B 11 -9.86 -29.28 -9.93
C SER B 11 -9.66 -30.12 -8.67
N ARG B 12 -10.61 -30.06 -7.74
CA ARG B 12 -10.54 -30.78 -6.44
C ARG B 12 -10.72 -32.28 -6.65
N HIS B 13 -11.61 -32.66 -7.55
CA HIS B 13 -11.86 -34.07 -7.96
C HIS B 13 -11.52 -34.17 -9.44
N PRO B 14 -11.15 -35.36 -9.95
CA PRO B 14 -10.87 -35.48 -11.38
C PRO B 14 -12.18 -35.09 -12.09
N ALA B 15 -12.08 -34.33 -13.17
CA ALA B 15 -13.19 -33.58 -13.79
C ALA B 15 -13.98 -34.50 -14.73
N GLU B 16 -15.29 -34.62 -14.50
CA GLU B 16 -16.28 -35.25 -15.45
C GLU B 16 -17.20 -34.15 -15.99
N ASN B 17 -17.27 -33.96 -17.32
CA ASN B 17 -18.22 -32.99 -17.95
C ASN B 17 -19.61 -33.10 -17.28
N GLY B 18 -20.20 -31.99 -16.87
CA GLY B 18 -21.57 -31.94 -16.31
C GLY B 18 -21.66 -32.39 -14.87
N LYS B 19 -20.56 -32.77 -14.19
CA LYS B 19 -20.56 -33.11 -12.73
C LYS B 19 -19.97 -31.96 -11.91
N PRO B 20 -20.70 -31.44 -10.88
CA PRO B 20 -20.21 -30.33 -10.06
C PRO B 20 -18.89 -30.65 -9.36
N ASN B 21 -18.02 -29.64 -9.25
CA ASN B 21 -16.60 -29.77 -8.84
C ASN B 21 -16.17 -28.44 -8.21
N TYR B 22 -14.88 -28.27 -7.94
CA TYR B 22 -14.28 -27.02 -7.45
C TYR B 22 -13.00 -26.78 -8.24
N LEU B 23 -12.80 -25.55 -8.64
CA LEU B 23 -11.64 -25.10 -9.44
C LEU B 23 -10.75 -24.24 -8.54
N ASN B 24 -9.47 -24.59 -8.44
CA ASN B 24 -8.50 -24.05 -7.47
C ASN B 24 -7.38 -23.38 -8.25
N CYS B 25 -6.98 -22.19 -7.84
CA CYS B 25 -5.70 -21.60 -8.28
C CYS B 25 -4.78 -21.42 -7.07
N TYR B 26 -3.71 -22.20 -6.96
CA TYR B 26 -2.78 -22.16 -5.80
C TYR B 26 -1.51 -21.42 -6.25
N VAL B 27 -1.25 -20.31 -5.58
CA VAL B 27 -0.17 -19.32 -5.89
C VAL B 27 0.74 -19.26 -4.65
N SER B 28 2.05 -19.40 -4.84
CA SER B 28 3.01 -19.68 -3.74
C SER B 28 4.42 -19.27 -4.16
N GLY B 29 5.30 -19.21 -3.15
CA GLY B 29 6.73 -18.89 -3.29
C GLY B 29 6.96 -17.43 -3.60
N PHE B 30 5.94 -16.56 -3.49
CA PHE B 30 6.07 -15.14 -3.89
C PHE B 30 6.39 -14.22 -2.71
N HIS B 31 7.13 -13.16 -3.04
CA HIS B 31 7.42 -12.02 -2.15
C HIS B 31 7.64 -10.81 -3.04
N PRO B 32 7.14 -9.60 -2.72
CA PRO B 32 6.34 -9.32 -1.53
C PRO B 32 4.89 -9.81 -1.64
N PRO B 33 4.02 -9.60 -0.60
CA PRO B 33 2.69 -10.21 -0.57
C PRO B 33 1.62 -9.58 -1.48
N GLN B 34 1.81 -8.34 -1.93
CA GLN B 34 0.87 -7.63 -2.84
C GLN B 34 0.83 -8.43 -4.16
N ILE B 35 -0.37 -8.85 -4.59
CA ILE B 35 -0.58 -9.77 -5.75
C ILE B 35 -2.06 -9.71 -6.16
N GLU B 36 -2.35 -9.98 -7.43
CA GLU B 36 -3.73 -10.03 -8.00
C GLU B 36 -3.86 -11.41 -8.65
N ILE B 37 -4.80 -12.24 -8.15
CA ILE B 37 -5.02 -13.65 -8.59
C ILE B 37 -6.46 -13.78 -9.09
N ASP B 38 -6.68 -13.96 -10.39
CA ASP B 38 -8.06 -14.02 -10.94
C ASP B 38 -8.29 -15.42 -11.51
N LEU B 39 -9.28 -16.17 -11.04
CA LEU B 39 -9.82 -17.29 -11.86
C LEU B 39 -10.61 -16.71 -13.03
N LEU B 40 -10.35 -17.21 -14.24
CA LEU B 40 -11.02 -16.73 -15.47
C LEU B 40 -11.81 -17.90 -16.09
N LYS B 41 -13.03 -17.61 -16.55
CA LYS B 41 -13.87 -18.50 -17.39
C LYS B 41 -13.98 -17.81 -18.78
N ASN B 42 -13.46 -18.47 -19.82
CA ASN B 42 -13.47 -17.94 -21.21
C ASN B 42 -12.92 -16.51 -21.14
N GLY B 43 -11.84 -16.34 -20.39
CA GLY B 43 -11.10 -15.06 -20.27
C GLY B 43 -11.78 -14.00 -19.40
N GLU B 44 -12.85 -14.30 -18.67
CA GLU B 44 -13.54 -13.28 -17.82
C GLU B 44 -13.41 -13.63 -16.33
N LYS B 45 -13.19 -12.64 -15.46
CA LYS B 45 -12.98 -12.85 -14.00
C LYS B 45 -14.21 -13.55 -13.40
N MET B 46 -14.02 -14.65 -12.66
CA MET B 46 -15.09 -15.29 -11.85
C MET B 46 -15.00 -14.72 -10.43
N ASN B 47 -16.12 -14.75 -9.71
CA ASN B 47 -16.23 -14.37 -8.28
C ASN B 47 -15.79 -15.59 -7.49
N ALA B 48 -14.55 -15.60 -7.00
CA ALA B 48 -13.92 -16.76 -6.33
C ALA B 48 -13.38 -16.29 -4.97
N GLU B 49 -13.56 -17.10 -3.92
CA GLU B 49 -13.07 -16.74 -2.57
C GLU B 49 -11.54 -16.94 -2.52
N GLN B 50 -10.87 -16.10 -1.73
CA GLN B 50 -9.40 -16.08 -1.60
C GLN B 50 -9.11 -16.47 -0.16
N SER B 51 -8.21 -17.43 0.09
CA SER B 51 -7.81 -17.81 1.46
C SER B 51 -7.15 -16.61 2.13
N ASP B 52 -6.96 -16.70 3.43
CA ASP B 52 -6.21 -15.73 4.26
C ASP B 52 -4.74 -15.85 3.90
N LEU B 53 -4.07 -14.69 3.83
CA LEU B 53 -2.63 -14.59 3.51
C LEU B 53 -1.84 -15.28 4.63
N SER B 54 -1.19 -16.40 4.28
CA SER B 54 -0.22 -17.16 5.12
C SER B 54 1.14 -17.23 4.41
N PHE B 55 2.10 -17.89 5.06
CA PHE B 55 3.46 -18.02 4.51
C PHE B 55 4.18 -19.23 5.08
N SER B 56 5.22 -19.64 4.33
CA SER B 56 6.01 -20.88 4.46
C SER B 56 7.25 -20.64 5.32
N LYS B 57 7.92 -21.73 5.71
CA LYS B 57 9.15 -21.70 6.55
C LYS B 57 10.11 -20.64 5.99
N ASP B 58 10.23 -20.51 4.65
CA ASP B 58 11.18 -19.58 3.97
C ASP B 58 10.62 -18.16 3.80
N TRP B 59 9.49 -17.82 4.43
CA TRP B 59 8.82 -16.49 4.47
C TRP B 59 8.05 -16.19 3.19
N SER B 60 8.10 -17.07 2.19
CA SER B 60 7.42 -16.81 0.91
C SER B 60 5.91 -17.02 1.13
N PHE B 61 5.07 -16.16 0.54
CA PHE B 61 3.60 -16.15 0.77
C PHE B 61 2.92 -17.22 -0.07
N TYR B 62 1.72 -17.61 0.33
CA TYR B 62 0.82 -18.51 -0.46
C TYR B 62 -0.66 -18.16 -0.26
N LEU B 63 -1.41 -18.25 -1.36
CA LEU B 63 -2.87 -18.00 -1.44
C LEU B 63 -3.54 -19.10 -2.23
N LEU B 64 -4.76 -19.47 -1.83
CA LEU B 64 -5.69 -20.34 -2.60
C LEU B 64 -6.89 -19.50 -3.02
N VAL B 65 -7.13 -19.43 -4.32
CA VAL B 65 -8.29 -18.77 -4.96
C VAL B 65 -9.13 -19.88 -5.57
N HIS B 66 -10.37 -20.02 -5.09
CA HIS B 66 -11.26 -21.17 -5.37
C HIS B 66 -12.73 -20.76 -5.53
N THR B 67 -13.50 -21.59 -6.22
CA THR B 67 -14.95 -21.41 -6.48
C THR B 67 -15.53 -22.73 -7.00
N GLU B 68 -16.82 -22.95 -6.77
CA GLU B 68 -17.58 -24.04 -7.41
C GLU B 68 -17.65 -23.79 -8.91
N PHE B 69 -17.49 -24.85 -9.70
CA PHE B 69 -17.78 -24.85 -11.15
C PHE B 69 -18.27 -26.24 -11.53
N THR B 70 -18.91 -26.35 -12.69
CA THR B 70 -19.23 -27.64 -13.34
C THR B 70 -18.54 -27.64 -14.68
N PRO B 71 -17.53 -28.50 -14.87
CA PRO B 71 -16.87 -28.65 -16.16
C PRO B 71 -17.90 -28.96 -17.27
N ASN B 72 -17.61 -28.57 -18.51
CA ASN B 72 -18.31 -29.08 -19.73
C ASN B 72 -17.36 -28.94 -20.93
N ALA B 73 -17.73 -29.50 -22.07
CA ALA B 73 -16.88 -29.60 -23.28
C ALA B 73 -16.50 -28.21 -23.84
N VAL B 74 -17.28 -27.17 -23.55
CA VAL B 74 -17.21 -25.85 -24.24
C VAL B 74 -16.29 -24.89 -23.45
N ASP B 75 -16.42 -24.87 -22.10
CA ASP B 75 -15.90 -23.80 -21.22
C ASP B 75 -14.39 -23.97 -20.94
N GLN B 76 -13.65 -22.86 -21.07
CA GLN B 76 -12.18 -22.74 -20.95
C GLN B 76 -11.82 -22.01 -19.65
N TYR B 77 -11.00 -22.61 -18.78
CA TYR B 77 -10.63 -21.95 -17.50
C TYR B 77 -9.12 -21.74 -17.42
N SER B 78 -8.77 -20.67 -16.72
CA SER B 78 -7.39 -20.17 -16.61
C SER B 78 -7.28 -19.38 -15.29
N CYS B 79 -6.05 -19.15 -14.84
CA CYS B 79 -5.74 -18.31 -13.66
C CYS B 79 -4.72 -17.25 -14.05
N ARG B 80 -4.94 -15.99 -13.66
CA ARG B 80 -4.14 -14.84 -14.12
C ARG B 80 -3.57 -14.17 -12.87
N VAL B 81 -2.25 -14.10 -12.78
CA VAL B 81 -1.49 -13.59 -11.61
C VAL B 81 -0.64 -12.41 -12.06
N LYS B 82 -0.89 -11.26 -11.44
CA LYS B 82 -0.11 -10.01 -11.60
C LYS B 82 0.69 -9.81 -10.31
N HIS B 83 2.01 -9.62 -10.45
CA HIS B 83 2.96 -9.41 -9.33
C HIS B 83 4.06 -8.49 -9.83
N VAL B 84 4.58 -7.63 -8.94
CA VAL B 84 5.71 -6.68 -9.25
C VAL B 84 6.83 -7.42 -10.01
N THR B 85 7.00 -8.71 -9.71
CA THR B 85 8.09 -9.61 -10.18
C THR B 85 7.86 -10.01 -11.64
N LEU B 86 6.66 -9.80 -12.19
CA LEU B 86 6.29 -10.23 -13.57
C LEU B 86 6.00 -9.00 -14.46
N ASP B 87 6.72 -8.89 -15.58
CA ASP B 87 6.56 -7.81 -16.59
C ASP B 87 5.13 -7.91 -17.15
N LYS B 88 4.69 -9.10 -17.56
CA LYS B 88 3.29 -9.30 -18.02
C LYS B 88 2.60 -10.34 -17.14
N PRO B 89 1.27 -10.23 -16.97
CA PRO B 89 0.50 -11.19 -16.18
C PRO B 89 0.84 -12.64 -16.55
N LYS B 90 0.94 -13.52 -15.54
CA LYS B 90 1.08 -14.98 -15.72
C LYS B 90 -0.30 -15.59 -15.89
N ILE B 91 -0.52 -16.32 -16.97
CA ILE B 91 -1.80 -17.01 -17.26
C ILE B 91 -1.46 -18.51 -17.32
N VAL B 92 -2.02 -19.32 -16.43
CA VAL B 92 -1.92 -20.81 -16.55
C VAL B 92 -3.31 -21.32 -16.91
N LYS B 93 -3.39 -22.23 -17.88
CA LYS B 93 -4.67 -22.74 -18.42
C LYS B 93 -4.97 -23.98 -17.62
N TRP B 94 -6.23 -24.22 -17.28
CA TRP B 94 -6.61 -25.46 -16.56
C TRP B 94 -6.67 -26.60 -17.57
N ASP B 95 -5.85 -27.62 -17.36
CA ASP B 95 -5.94 -28.92 -18.06
C ASP B 95 -6.44 -29.92 -17.02
N ARG B 96 -7.51 -30.66 -17.30
CA ARG B 96 -8.12 -31.59 -16.32
C ARG B 96 -7.15 -32.72 -15.96
N ASP B 97 -6.14 -32.95 -16.80
CA ASP B 97 -5.09 -34.00 -16.64
C ASP B 97 -3.82 -33.35 -16.09
N HIS B 98 -3.54 -32.11 -16.53
CA HIS B 98 -2.25 -31.35 -16.51
C HIS B 98 -1.33 -31.82 -17.65
N TYR C 1 -3.81 -20.25 21.41
CA TYR C 1 -3.73 -19.18 22.43
C TYR C 1 -2.46 -18.36 22.21
N MET C 2 -2.62 -17.12 21.75
CA MET C 2 -1.51 -16.25 21.29
C MET C 2 -0.61 -15.83 22.46
N ASN C 3 0.59 -15.32 22.16
CA ASN C 3 1.53 -14.83 23.19
C ASN C 3 1.20 -13.37 23.58
N CYS C 4 0.83 -13.17 24.84
CA CYS C 4 0.52 -11.86 25.49
C CYS C 4 1.71 -10.88 25.38
N SER C 5 2.94 -11.36 25.30
CA SER C 5 4.11 -10.45 25.52
C SER C 5 4.79 -10.18 24.17
N LEU C 6 5.02 -8.90 23.88
CA LEU C 6 5.38 -8.40 22.54
C LEU C 6 6.90 -8.30 22.43
N PRO C 7 7.51 -8.85 21.37
CA PRO C 7 8.96 -8.67 21.16
C PRO C 7 9.22 -7.23 20.70
N THR C 8 10.33 -6.63 21.14
CA THR C 8 10.74 -5.22 20.87
C THR C 8 11.55 -5.18 19.56
N TYR C 9 11.52 -4.07 18.82
CA TYR C 9 12.30 -3.92 17.56
C TYR C 9 13.25 -2.71 17.72
N GLY D 1 -17.32 13.40 -4.90
CA GLY D 1 -17.55 14.17 -6.18
C GLY D 1 -16.85 13.55 -7.40
N PRO D 2 -16.70 14.32 -8.52
CA PRO D 2 -16.03 13.84 -9.72
C PRO D 2 -14.49 13.84 -9.65
N HIS D 3 -13.94 12.66 -9.97
CA HIS D 3 -12.49 12.37 -10.13
C HIS D 3 -11.93 13.24 -11.25
N SER D 4 -10.66 13.58 -11.15
CA SER D 4 -9.96 14.49 -12.10
C SER D 4 -8.56 13.96 -12.28
N LEU D 5 -8.00 14.23 -13.45
CA LEU D 5 -6.57 14.02 -13.77
C LEU D 5 -6.06 15.40 -14.18
N SER D 6 -4.97 15.89 -13.58
CA SER D 6 -4.44 17.24 -13.86
C SER D 6 -2.91 17.30 -13.72
N TYR D 7 -2.30 18.12 -14.56
CA TYR D 7 -0.84 18.31 -14.61
C TYR D 7 -0.57 19.77 -14.35
N PHE D 8 0.44 20.03 -13.51
CA PHE D 8 0.91 21.38 -13.13
C PHE D 8 2.36 21.56 -13.61
N TYR D 9 2.56 22.43 -14.60
CA TYR D 9 3.86 22.74 -15.25
C TYR D 9 4.35 24.08 -14.72
N THR D 10 5.59 24.10 -14.22
CA THR D 10 6.31 25.34 -13.84
C THR D 10 7.65 25.38 -14.55
N ALA D 11 7.84 26.39 -15.41
CA ALA D 11 9.14 26.79 -15.99
C ALA D 11 9.58 28.09 -15.31
N VAL D 12 10.80 28.12 -14.78
CA VAL D 12 11.41 29.37 -14.23
C VAL D 12 12.75 29.60 -14.94
N SER D 13 12.97 30.84 -15.39
CA SER D 13 14.18 31.29 -16.13
C SER D 13 15.34 31.49 -15.14
N ARG D 14 16.55 31.12 -15.58
CA ARG D 14 17.83 31.24 -14.82
C ARG D 14 18.84 32.00 -15.66
N PRO D 15 18.80 33.35 -15.71
CA PRO D 15 19.83 34.11 -16.41
C PRO D 15 21.23 33.92 -15.77
N ASP D 16 21.29 33.86 -14.44
CA ASP D 16 22.54 33.55 -13.67
C ASP D 16 23.21 32.26 -14.19
N ARG D 17 22.47 31.28 -14.70
CA ARG D 17 23.03 30.02 -15.28
C ARG D 17 22.94 30.04 -16.83
N GLY D 18 22.15 30.93 -17.42
CA GLY D 18 21.89 30.97 -18.88
C GLY D 18 21.16 29.73 -19.35
N ASP D 19 20.18 29.28 -18.56
CA ASP D 19 19.23 28.18 -18.90
C ASP D 19 17.91 28.36 -18.11
N SER D 20 17.24 27.27 -17.74
CA SER D 20 15.92 27.33 -17.05
C SER D 20 15.63 26.01 -16.35
N ARG D 21 14.79 26.09 -15.34
CA ARG D 21 14.28 24.87 -14.65
C ARG D 21 12.82 24.69 -15.04
N PHE D 22 12.42 23.44 -15.17
CA PHE D 22 11.07 22.98 -15.53
C PHE D 22 10.61 21.84 -14.61
N PHE D 23 9.51 22.06 -13.87
CA PHE D 23 8.89 21.06 -12.97
C PHE D 23 7.53 20.62 -13.54
N ILE D 24 7.17 19.36 -13.28
CA ILE D 24 5.83 18.78 -13.53
C ILE D 24 5.41 18.01 -12.29
N VAL D 25 4.15 18.16 -11.87
CA VAL D 25 3.48 17.24 -10.90
C VAL D 25 2.15 16.83 -11.53
N GLY D 26 1.90 15.53 -11.55
CA GLY D 26 0.60 14.97 -11.92
C GLY D 26 -0.18 14.61 -10.68
N TYR D 27 -1.46 14.97 -10.65
CA TYR D 27 -2.40 14.67 -9.56
C TYR D 27 -3.61 13.92 -10.13
N VAL D 28 -4.13 12.98 -9.35
CA VAL D 28 -5.49 12.42 -9.48
C VAL D 28 -6.21 12.87 -8.21
N ASP D 29 -7.26 13.69 -8.32
CA ASP D 29 -7.92 14.34 -7.16
C ASP D 29 -6.87 15.13 -6.36
N ASP D 30 -6.72 14.87 -5.05
CA ASP D 30 -5.77 15.63 -4.19
C ASP D 30 -4.50 14.81 -3.98
N THR D 31 -4.17 13.88 -4.89
CA THR D 31 -3.11 12.86 -4.76
C THR D 31 -2.09 13.09 -5.87
N GLN D 32 -0.87 13.50 -5.49
CA GLN D 32 0.33 13.53 -6.37
C GLN D 32 0.64 12.07 -6.71
N PHE D 33 0.95 11.76 -7.98
CA PHE D 33 1.28 10.37 -8.42
C PHE D 33 2.52 10.34 -9.31
N VAL D 34 2.95 11.48 -9.88
CA VAL D 34 4.14 11.55 -10.76
C VAL D 34 4.77 12.94 -10.61
N ARG D 35 6.10 12.99 -10.66
CA ARG D 35 6.83 14.27 -10.78
C ARG D 35 8.02 14.11 -11.70
N PHE D 36 8.53 15.26 -12.11
CA PHE D 36 9.72 15.44 -12.97
C PHE D 36 10.33 16.79 -12.61
N ASP D 37 11.65 16.81 -12.51
CA ASP D 37 12.48 18.00 -12.22
C ASP D 37 13.63 18.01 -13.22
N SER D 38 13.70 19.03 -14.08
CA SER D 38 14.74 19.17 -15.13
C SER D 38 16.14 19.25 -14.48
N ASP D 39 16.28 19.65 -13.21
CA ASP D 39 17.58 19.65 -12.48
C ASP D 39 17.95 18.24 -11.99
N ALA D 40 16.99 17.31 -11.85
CA ALA D 40 17.29 15.91 -11.46
C ALA D 40 18.37 15.37 -12.38
N PRO D 41 19.39 14.64 -11.85
CA PRO D 41 20.37 13.98 -12.71
C PRO D 41 19.70 12.89 -13.55
N ASN D 42 20.00 12.85 -14.86
CA ASN D 42 19.38 11.89 -15.82
C ASN D 42 17.87 12.02 -15.65
N ALA D 43 17.36 13.26 -15.69
CA ALA D 43 15.98 13.66 -15.34
C ALA D 43 14.97 12.74 -16.04
N LYS D 44 14.13 12.08 -15.26
CA LYS D 44 12.98 11.26 -15.73
C LYS D 44 11.72 11.63 -14.95
N MET D 45 10.55 11.35 -15.55
CA MET D 45 9.24 11.36 -14.86
C MET D 45 9.28 10.26 -13.80
N GLU D 46 8.98 10.59 -12.56
CA GLU D 46 9.20 9.67 -11.41
C GLU D 46 7.84 9.29 -10.83
N PRO D 47 7.62 8.00 -10.51
CA PRO D 47 6.45 7.60 -9.75
C PRO D 47 6.47 8.28 -8.38
N ARG D 48 5.28 8.63 -7.88
CA ARG D 48 5.11 9.30 -6.56
C ARG D 48 3.99 8.61 -5.79
N ALA D 49 3.69 7.37 -6.17
CA ALA D 49 2.67 6.53 -5.52
C ALA D 49 3.01 5.07 -5.83
N GLN D 50 2.57 4.15 -4.96
CA GLN D 50 2.69 2.69 -5.20
C GLN D 50 1.86 2.31 -6.44
N TRP D 51 0.60 2.75 -6.50
CA TRP D 51 -0.40 2.24 -7.48
C TRP D 51 0.08 2.50 -8.91
N ILE D 52 0.89 3.54 -9.17
CA ILE D 52 1.32 3.90 -10.56
C ILE D 52 2.56 3.10 -10.96
N GLN D 53 3.19 2.38 -10.03
CA GLN D 53 4.54 1.78 -10.25
C GLN D 53 4.43 0.57 -11.18
N GLN D 54 3.30 -0.14 -11.19
CA GLN D 54 3.04 -1.30 -12.09
C GLN D 54 3.11 -0.91 -13.57
N GLU D 55 2.96 0.38 -13.92
CA GLU D 55 3.17 0.85 -15.31
C GLU D 55 4.57 0.39 -15.75
N GLY D 56 4.67 -0.19 -16.95
CA GLY D 56 5.93 -0.64 -17.55
C GLY D 56 6.74 0.50 -18.16
N GLN D 57 7.93 0.18 -18.66
CA GLN D 57 8.96 1.16 -19.10
C GLN D 57 8.46 1.95 -20.34
N GLU D 58 7.41 1.50 -21.02
CA GLU D 58 6.91 2.19 -22.24
C GLU D 58 6.21 3.48 -21.82
N TYR D 59 5.37 3.41 -20.78
CA TYR D 59 4.66 4.56 -20.16
C TYR D 59 5.67 5.60 -19.69
N TRP D 60 6.69 5.16 -18.93
CA TRP D 60 7.68 6.06 -18.29
C TRP D 60 8.48 6.76 -19.40
N ASP D 61 8.93 5.99 -20.39
CA ASP D 61 9.67 6.51 -21.57
C ASP D 61 8.92 7.67 -22.24
N ARG D 62 7.62 7.50 -22.46
CA ARG D 62 6.79 8.52 -23.16
C ARG D 62 6.70 9.76 -22.27
N GLU D 63 6.33 9.57 -20.99
CA GLU D 63 6.09 10.67 -20.04
C GLU D 63 7.39 11.46 -19.95
N THR D 64 8.50 10.74 -19.77
CA THR D 64 9.87 11.33 -19.75
C THR D 64 10.08 12.15 -21.02
N GLN D 65 9.82 11.55 -22.17
CA GLN D 65 10.10 12.17 -23.49
C GLN D 65 9.34 13.50 -23.63
N ILE D 66 8.10 13.59 -23.15
CA ILE D 66 7.31 14.84 -23.25
C ILE D 66 7.79 15.81 -22.17
N SER D 67 8.11 15.33 -20.98
CA SER D 67 8.70 16.20 -19.93
C SER D 67 9.88 16.95 -20.58
N LYS D 68 10.75 16.19 -21.24
CA LYS D 68 12.06 16.67 -21.77
C LYS D 68 11.82 17.60 -22.97
N ASP D 69 10.87 17.23 -23.85
CA ASP D 69 10.40 18.06 -25.00
C ASP D 69 9.87 19.41 -24.46
N ASN D 70 9.07 19.40 -23.40
CA ASN D 70 8.51 20.63 -22.79
C ASN D 70 9.64 21.45 -22.16
N ALA D 71 10.59 20.79 -21.50
CA ALA D 71 11.81 21.41 -20.94
C ALA D 71 12.50 22.27 -22.02
N GLN D 72 12.86 21.65 -23.16
CA GLN D 72 13.69 22.28 -24.23
C GLN D 72 12.94 23.52 -24.78
N ILE D 73 11.64 23.41 -25.03
CA ILE D 73 10.85 24.49 -25.69
C ILE D 73 10.63 25.65 -24.69
N ASN D 74 10.40 25.36 -23.40
CA ASN D 74 10.01 26.41 -22.41
C ASN D 74 11.08 27.50 -22.38
N ARG D 75 12.35 27.13 -22.57
CA ARG D 75 13.48 28.09 -22.69
C ARG D 75 13.10 29.15 -23.75
N VAL D 76 12.79 28.75 -24.99
CA VAL D 76 12.49 29.71 -26.10
C VAL D 76 11.18 30.45 -25.76
N ASN D 77 10.20 29.76 -25.17
CA ASN D 77 8.88 30.38 -24.86
C ASN D 77 9.07 31.50 -23.84
N LEU D 78 9.95 31.30 -22.86
CA LEU D 78 10.21 32.31 -21.78
C LEU D 78 10.88 33.54 -22.40
N ASN D 79 11.71 33.29 -23.42
CA ASN D 79 12.47 34.30 -24.19
C ASN D 79 11.47 35.14 -25.02
N THR D 80 10.57 34.45 -25.73
CA THR D 80 9.47 35.08 -26.51
C THR D 80 8.68 36.00 -25.58
N LEU D 81 8.26 35.48 -24.43
CA LEU D 81 7.38 36.18 -23.47
C LEU D 81 8.11 37.41 -22.91
N ARG D 82 9.40 37.27 -22.60
CA ARG D 82 10.26 38.40 -22.17
C ARG D 82 10.14 39.53 -23.19
N GLY D 83 10.34 39.21 -24.48
CA GLY D 83 10.13 40.09 -25.66
C GLY D 83 8.77 40.81 -25.64
N TYR D 84 7.66 40.08 -25.50
CA TYR D 84 6.30 40.70 -25.58
C TYR D 84 6.14 41.77 -24.49
N TYR D 85 6.64 41.50 -23.29
CA TYR D 85 6.45 42.42 -22.12
C TYR D 85 7.62 43.42 -22.02
N ASN D 86 8.61 43.37 -22.91
CA ASN D 86 9.73 44.35 -22.98
C ASN D 86 10.52 44.31 -21.66
N GLN D 87 11.05 43.16 -21.27
CA GLN D 87 11.76 42.98 -19.98
C GLN D 87 13.24 42.69 -20.28
N SER D 88 14.13 43.09 -19.38
CA SER D 88 15.60 42.88 -19.50
C SER D 88 15.95 41.40 -19.35
N GLU D 89 17.05 40.99 -19.98
CA GLU D 89 17.61 39.61 -19.95
C GLU D 89 18.17 39.30 -18.54
N ALA D 90 18.17 40.28 -17.65
CA ALA D 90 18.74 40.18 -16.27
C ALA D 90 17.82 39.38 -15.33
N GLY D 91 16.52 39.71 -15.27
CA GLY D 91 15.57 39.19 -14.26
C GLY D 91 15.20 37.74 -14.51
N SER D 92 14.72 37.03 -13.48
CA SER D 92 14.13 35.65 -13.54
C SER D 92 12.61 35.76 -13.76
N HIS D 93 12.01 34.85 -14.53
CA HIS D 93 10.55 34.86 -14.86
C HIS D 93 9.96 33.44 -14.82
N THR D 94 8.64 33.35 -14.73
CA THR D 94 7.89 32.06 -14.58
C THR D 94 6.77 31.93 -15.61
N LEU D 95 6.64 30.72 -16.14
CA LEU D 95 5.56 30.28 -17.06
C LEU D 95 4.96 29.00 -16.47
N GLN D 96 3.69 29.09 -16.05
CA GLN D 96 2.93 28.02 -15.37
C GLN D 96 1.79 27.58 -16.29
N ARG D 97 1.53 26.29 -16.33
CA ARG D 97 0.42 25.72 -17.11
C ARG D 97 -0.24 24.69 -16.21
N MET D 98 -1.57 24.71 -16.11
CA MET D 98 -2.36 23.65 -15.46
C MET D 98 -3.42 23.23 -16.49
N TYR D 99 -3.56 21.92 -16.69
CA TYR D 99 -4.63 21.37 -17.54
C TYR D 99 -5.11 20.10 -16.89
N GLY D 100 -6.32 19.63 -17.27
CA GLY D 100 -6.89 18.40 -16.71
C GLY D 100 -8.32 18.17 -17.12
N CYS D 101 -8.82 16.97 -16.82
CA CYS D 101 -10.17 16.49 -17.15
C CYS D 101 -10.85 15.96 -15.89
N TYR D 102 -12.11 16.33 -15.70
CA TYR D 102 -13.07 15.79 -14.73
C TYR D 102 -13.86 14.69 -15.42
N LEU D 103 -13.97 13.55 -14.77
CA LEU D 103 -14.67 12.36 -15.30
C LEU D 103 -16.16 12.49 -15.03
N GLY D 104 -16.96 12.47 -16.07
CA GLY D 104 -18.43 12.50 -15.93
C GLY D 104 -18.97 11.09 -16.02
N PRO D 105 -20.29 10.89 -15.95
CA PRO D 105 -20.87 9.55 -16.08
C PRO D 105 -20.56 8.86 -17.41
N ASP D 106 -20.40 7.56 -17.38
CA ASP D 106 -20.16 6.71 -18.59
C ASP D 106 -18.80 6.99 -19.21
N GLY D 107 -17.79 7.25 -18.39
CA GLY D 107 -16.42 7.51 -18.84
C GLY D 107 -16.33 8.57 -19.91
N LEU D 108 -17.07 9.65 -19.73
CA LEU D 108 -17.08 10.82 -20.65
C LEU D 108 -16.59 12.05 -19.90
N LEU D 109 -15.95 12.94 -20.64
CA LEU D 109 -15.45 14.22 -20.10
C LEU D 109 -16.63 14.97 -19.50
N LEU D 110 -16.51 15.41 -18.26
CA LEU D 110 -17.48 16.29 -17.58
C LEU D 110 -17.05 17.73 -17.82
N ARG D 111 -15.76 18.02 -17.69
CA ARG D 111 -15.19 19.35 -18.01
C ARG D 111 -13.68 19.20 -18.25
N GLY D 112 -13.15 19.91 -19.25
CA GLY D 112 -11.71 20.09 -19.50
C GLY D 112 -11.31 21.54 -19.27
N TYR D 113 -10.02 21.77 -18.99
CA TYR D 113 -9.39 23.10 -18.80
C TYR D 113 -7.91 23.04 -19.25
N ASP D 114 -7.36 24.21 -19.58
CA ASP D 114 -6.01 24.44 -20.15
C ASP D 114 -5.71 25.93 -20.02
N GLN D 115 -5.14 26.31 -18.89
CA GLN D 115 -4.75 27.69 -18.52
C GLN D 115 -3.22 27.77 -18.42
N ASP D 116 -2.68 28.96 -18.75
CA ASP D 116 -1.26 29.38 -18.74
C ASP D 116 -1.16 30.64 -17.88
N ALA D 117 -0.01 30.90 -17.28
CA ALA D 117 0.29 32.17 -16.57
C ALA D 117 1.77 32.56 -16.72
N TYR D 118 2.04 33.83 -17.01
CA TYR D 118 3.39 34.43 -17.04
C TYR D 118 3.53 35.25 -15.77
N ASP D 119 4.58 34.95 -14.99
CA ASP D 119 4.92 35.65 -13.73
C ASP D 119 3.64 35.72 -12.87
N GLY D 120 2.92 34.60 -12.74
CA GLY D 120 1.89 34.39 -11.69
C GLY D 120 0.56 35.08 -12.01
N ALA D 121 0.41 35.63 -13.21
CA ALA D 121 -0.78 36.36 -13.71
C ALA D 121 -1.38 35.63 -14.90
N ASP D 122 -2.69 35.47 -14.91
CA ASP D 122 -3.42 34.81 -16.04
C ASP D 122 -2.79 35.28 -17.34
N TYR D 123 -2.51 34.33 -18.24
CA TYR D 123 -2.17 34.59 -19.66
C TYR D 123 -3.34 34.09 -20.54
N ILE D 124 -3.35 32.81 -20.89
CA ILE D 124 -4.39 32.23 -21.79
C ILE D 124 -5.10 31.04 -21.13
N ALA D 125 -6.43 31.06 -21.13
CA ALA D 125 -7.29 29.94 -20.72
C ALA D 125 -8.16 29.48 -21.89
N LEU D 126 -8.14 28.18 -22.19
CA LEU D 126 -9.11 27.46 -23.06
C LEU D 126 -10.51 27.52 -22.39
N ASN D 127 -11.47 28.09 -23.10
CA ASN D 127 -12.88 28.25 -22.66
C ASN D 127 -13.53 26.87 -22.53
N GLU D 128 -14.58 26.77 -21.72
CA GLU D 128 -15.28 25.49 -21.44
C GLU D 128 -15.65 24.80 -22.75
N ASP D 129 -15.92 25.52 -23.84
CA ASP D 129 -16.31 24.88 -25.13
C ASP D 129 -15.14 24.10 -25.74
N LEU D 130 -13.90 24.27 -25.24
CA LEU D 130 -12.68 23.59 -25.77
C LEU D 130 -12.48 23.94 -27.25
N ARG D 131 -12.96 25.10 -27.67
CA ARG D 131 -13.00 25.50 -29.09
C ARG D 131 -12.54 26.95 -29.22
N SER D 132 -12.38 27.66 -28.12
CA SER D 132 -12.04 29.11 -28.10
C SER D 132 -11.16 29.46 -26.89
N TRP D 133 -10.33 30.49 -27.01
CA TRP D 133 -9.33 30.92 -26.01
C TRP D 133 -9.80 32.22 -25.39
N THR D 134 -9.23 32.59 -24.24
CA THR D 134 -9.42 33.87 -23.52
C THR D 134 -8.01 34.40 -23.21
N ALA D 135 -7.71 35.63 -23.64
CA ALA D 135 -6.45 36.36 -23.37
C ALA D 135 -6.71 37.44 -22.31
N ALA D 136 -5.83 37.54 -21.31
CA ALA D 136 -6.01 38.47 -20.16
C ALA D 136 -5.46 39.86 -20.52
N ASP D 137 -4.73 39.99 -21.64
CA ASP D 137 -4.12 41.27 -22.05
C ASP D 137 -3.66 41.21 -23.51
N MET D 138 -3.27 42.36 -24.05
CA MET D 138 -2.81 42.56 -25.45
C MET D 138 -1.65 41.58 -25.75
N ALA D 139 -0.80 41.31 -24.76
CA ALA D 139 0.34 40.37 -24.88
C ALA D 139 -0.20 39.00 -25.28
N ALA D 140 -1.09 38.46 -24.44
CA ALA D 140 -1.72 37.13 -24.59
C ALA D 140 -2.36 37.01 -25.98
N GLN D 141 -3.12 38.04 -26.38
CA GLN D 141 -3.86 38.09 -27.68
C GLN D 141 -2.94 37.66 -28.82
N ILE D 142 -1.62 37.90 -28.69
CA ILE D 142 -0.63 37.59 -29.76
C ILE D 142 -0.50 36.07 -29.85
N SER D 143 -0.34 35.40 -28.71
CA SER D 143 -0.24 33.93 -28.60
C SER D 143 -1.61 33.33 -28.93
N LYS D 144 -2.68 33.97 -28.46
CA LYS D 144 -4.09 33.61 -28.80
C LYS D 144 -4.17 33.36 -30.30
N ARG D 145 -3.97 34.41 -31.11
CA ARG D 145 -4.19 34.40 -32.59
C ARG D 145 -3.29 33.33 -33.22
N LYS D 146 -2.03 33.30 -32.82
CA LYS D 146 -1.07 32.27 -33.28
C LYS D 146 -1.67 30.87 -33.08
N ARG D 147 -2.44 30.67 -32.00
CA ARG D 147 -3.02 29.36 -31.57
C ARG D 147 -4.27 29.02 -32.39
N GLU D 148 -5.17 30.01 -32.57
CA GLU D 148 -6.34 30.00 -33.50
C GLU D 148 -5.85 29.57 -34.89
N ALA D 149 -4.82 30.21 -35.45
CA ALA D 149 -4.23 29.86 -36.78
C ALA D 149 -3.72 28.41 -36.78
N ALA D 150 -3.18 27.90 -35.69
CA ALA D 150 -2.49 26.59 -35.68
C ALA D 150 -3.50 25.44 -35.48
N ASP D 151 -4.77 25.77 -35.19
CA ASP D 151 -5.85 24.80 -34.80
C ASP D 151 -5.39 24.08 -33.53
N GLU D 152 -5.13 24.85 -32.48
CA GLU D 152 -4.52 24.34 -31.24
C GLU D 152 -5.65 23.84 -30.34
N ALA D 153 -6.71 24.64 -30.22
CA ALA D 153 -7.93 24.22 -29.51
C ALA D 153 -8.19 22.74 -29.80
N GLU D 154 -8.17 22.31 -31.06
CA GLU D 154 -8.73 21.00 -31.48
C GLU D 154 -7.84 19.84 -30.98
N ARG D 155 -6.53 20.04 -30.89
CA ARG D 155 -5.60 19.01 -30.35
C ARG D 155 -5.88 18.82 -28.84
N MET D 156 -5.99 19.95 -28.14
CA MET D 156 -6.36 19.95 -26.70
C MET D 156 -7.71 19.22 -26.51
N ARG D 157 -8.77 19.63 -27.22
CA ARG D 157 -10.13 19.07 -26.99
C ARG D 157 -10.03 17.56 -27.21
N SER D 158 -9.26 17.15 -28.22
CA SER D 158 -9.10 15.72 -28.57
C SER D 158 -8.44 14.97 -27.40
N TYR D 159 -7.35 15.50 -26.83
CA TYR D 159 -6.69 14.92 -25.63
C TYR D 159 -7.69 14.82 -24.47
N LEU D 160 -8.27 15.96 -24.08
CA LEU D 160 -9.21 16.06 -22.94
C LEU D 160 -10.40 15.08 -23.08
N GLN D 161 -10.89 14.83 -24.28
CA GLN D 161 -12.11 14.02 -24.54
C GLN D 161 -11.73 12.55 -24.74
N GLY D 162 -10.50 12.30 -25.18
CA GLY D 162 -9.96 10.94 -25.45
C GLY D 162 -8.98 10.46 -24.38
N ARG D 163 -7.69 10.65 -24.59
CA ARG D 163 -6.66 10.06 -23.70
C ARG D 163 -6.88 10.49 -22.24
N CYS D 164 -7.16 11.77 -21.99
CA CYS D 164 -7.17 12.31 -20.60
C CYS D 164 -8.11 11.47 -19.74
N VAL D 165 -9.37 11.28 -20.16
CA VAL D 165 -10.42 10.54 -19.42
C VAL D 165 -10.16 9.03 -19.49
N GLU D 166 -9.67 8.50 -20.62
CA GLU D 166 -9.37 7.05 -20.74
C GLU D 166 -8.37 6.70 -19.64
N TRP D 167 -7.32 7.51 -19.48
CA TRP D 167 -6.21 7.21 -18.55
C TRP D 167 -6.66 7.51 -17.11
N LEU D 168 -7.49 8.53 -16.91
CA LEU D 168 -8.06 8.82 -15.56
C LEU D 168 -8.82 7.57 -15.08
N GLN D 169 -9.41 6.82 -16.00
CA GLN D 169 -10.26 5.63 -15.67
C GLN D 169 -9.35 4.44 -15.35
N LYS D 170 -8.27 4.24 -16.10
CA LYS D 170 -7.21 3.25 -15.75
C LYS D 170 -6.67 3.57 -14.34
N TYR D 171 -6.25 4.81 -14.12
CA TYR D 171 -5.63 5.22 -12.83
C TYR D 171 -6.55 4.92 -11.66
N LEU D 172 -7.85 5.17 -11.79
CA LEU D 172 -8.82 4.92 -10.70
C LEU D 172 -8.98 3.44 -10.46
N GLU D 173 -8.88 2.62 -11.52
CA GLU D 173 -8.96 1.14 -11.43
C GLU D 173 -7.66 0.62 -10.80
N MET D 174 -6.51 1.19 -11.15
CA MET D 174 -5.19 0.73 -10.68
C MET D 174 -5.00 1.03 -9.19
N GLY D 175 -5.48 2.17 -8.71
CA GLY D 175 -5.30 2.65 -7.32
C GLY D 175 -6.58 2.61 -6.53
N LYS D 176 -7.51 1.72 -6.90
CA LYS D 176 -8.90 1.66 -6.34
C LYS D 176 -8.87 2.16 -4.89
N ASP D 177 -8.27 1.35 -4.01
CA ASP D 177 -8.45 1.43 -2.53
C ASP D 177 -7.97 2.78 -1.99
N THR D 178 -7.05 3.45 -2.70
CA THR D 178 -6.37 4.68 -2.19
C THR D 178 -7.03 5.94 -2.80
N LEU D 179 -7.47 5.92 -4.06
CA LEU D 179 -8.10 7.09 -4.75
C LEU D 179 -9.62 7.19 -4.51
N GLN D 180 -10.32 6.06 -4.36
CA GLN D 180 -11.80 6.02 -4.26
C GLN D 180 -12.19 5.88 -2.80
N ARG D 181 -11.23 6.08 -1.89
CA ARG D 181 -11.42 6.08 -0.42
C ARG D 181 -11.83 7.48 0.04
N ALA D 182 -12.39 7.54 1.24
CA ALA D 182 -12.64 8.78 1.99
C ALA D 182 -12.26 8.49 3.43
N GLU D 183 -11.07 8.95 3.85
CA GLU D 183 -10.52 8.72 5.22
C GLU D 183 -11.01 9.86 6.12
N PRO D 184 -11.85 9.58 7.13
CA PRO D 184 -12.42 10.64 7.97
C PRO D 184 -11.42 11.26 8.94
N PRO D 185 -11.67 12.50 9.40
CA PRO D 185 -10.77 13.20 10.30
C PRO D 185 -10.86 12.54 11.66
N LYS D 186 -9.73 12.35 12.33
CA LYS D 186 -9.63 12.12 13.79
C LYS D 186 -9.68 13.51 14.43
N THR D 187 -10.55 13.67 15.43
CA THR D 187 -10.99 14.99 15.94
C THR D 187 -10.73 15.04 17.44
N HIS D 188 -10.42 16.24 17.96
CA HIS D 188 -10.48 16.57 19.42
C HIS D 188 -10.57 18.09 19.63
N VAL D 189 -11.07 18.49 20.81
CA VAL D 189 -11.11 19.91 21.27
C VAL D 189 -10.11 20.05 22.42
N THR D 190 -9.24 21.06 22.34
CA THR D 190 -8.34 21.47 23.43
C THR D 190 -8.80 22.82 23.97
N ARG D 191 -8.32 23.16 25.16
CA ARG D 191 -8.70 24.34 25.95
C ARG D 191 -7.43 24.90 26.57
N HIS D 192 -7.12 26.18 26.38
CA HIS D 192 -5.98 26.83 27.08
C HIS D 192 -6.43 28.21 27.55
N PRO D 193 -6.43 28.48 28.88
CA PRO D 193 -6.57 29.84 29.37
C PRO D 193 -5.62 30.76 28.59
N SER D 194 -6.10 31.80 27.91
CA SER D 194 -5.27 32.57 26.95
C SER D 194 -5.10 34.04 27.37
N SER D 195 -5.87 34.50 28.35
CA SER D 195 -5.85 35.89 28.89
C SER D 195 -6.56 35.87 30.24
N ASP D 196 -6.62 37.02 30.92
CA ASP D 196 -7.28 37.13 32.25
C ASP D 196 -8.81 36.93 32.10
N LEU D 197 -9.39 37.19 30.92
CA LEU D 197 -10.86 37.02 30.67
C LEU D 197 -11.15 36.29 29.35
N GLY D 198 -10.30 35.34 28.94
CA GLY D 198 -10.51 34.51 27.73
C GLY D 198 -9.96 33.09 27.91
N VAL D 199 -10.73 32.07 27.53
CA VAL D 199 -10.19 30.71 27.28
C VAL D 199 -10.31 30.46 25.77
N THR D 200 -9.24 29.93 25.17
CA THR D 200 -9.16 29.56 23.73
C THR D 200 -9.54 28.09 23.62
N LEU D 201 -10.61 27.81 22.88
CA LEU D 201 -10.99 26.44 22.40
C LEU D 201 -10.42 26.23 20.99
N ARG D 202 -9.81 25.07 20.74
CA ARG D 202 -9.23 24.71 19.40
C ARG D 202 -9.80 23.35 18.99
N CYS D 203 -10.50 23.33 17.85
CA CYS D 203 -11.10 22.12 17.28
C CYS D 203 -10.17 21.56 16.20
N TRP D 204 -9.74 20.31 16.38
CA TRP D 204 -8.67 19.68 15.57
C TRP D 204 -9.31 18.69 14.62
N ALA D 205 -8.88 18.71 13.36
CA ALA D 205 -9.19 17.67 12.36
C ALA D 205 -7.89 17.20 11.75
N LEU D 206 -7.60 15.89 11.88
CA LEU D 206 -6.31 15.25 11.51
C LEU D 206 -6.46 13.97 10.66
N GLY D 207 -5.62 13.86 9.63
CA GLY D 207 -5.42 12.61 8.90
C GLY D 207 -6.58 12.26 7.99
N PHE D 208 -7.27 13.28 7.45
CA PHE D 208 -8.43 13.11 6.54
C PHE D 208 -7.99 13.19 5.07
N TYR D 209 -8.74 12.47 4.24
CA TYR D 209 -8.68 12.51 2.75
C TYR D 209 -10.11 12.29 2.25
N PRO D 210 -10.59 12.95 1.18
CA PRO D 210 -9.89 14.03 0.47
C PRO D 210 -9.79 15.30 1.30
N LYS D 211 -9.28 16.37 0.65
CA LYS D 211 -8.89 17.66 1.25
C LYS D 211 -10.10 18.43 1.80
N GLU D 212 -11.19 18.46 1.03
CA GLU D 212 -12.41 19.24 1.34
C GLU D 212 -12.90 18.85 2.73
N ILE D 213 -13.28 19.84 3.52
CA ILE D 213 -13.82 19.66 4.91
C ILE D 213 -14.48 20.97 5.32
N SER D 214 -15.45 20.89 6.22
CA SER D 214 -16.13 22.05 6.86
C SER D 214 -15.91 21.98 8.37
N LEU D 215 -15.32 23.02 8.92
CA LEU D 215 -14.97 23.15 10.36
C LEU D 215 -15.56 24.46 10.86
N SER D 216 -16.37 24.43 11.91
CA SER D 216 -17.13 25.63 12.34
C SER D 216 -17.41 25.55 13.84
N TRP D 217 -17.42 26.72 14.46
CA TRP D 217 -17.78 26.88 15.89
C TRP D 217 -19.17 27.50 15.95
N GLN D 218 -20.04 26.91 16.77
CA GLN D 218 -21.40 27.42 17.02
C GLN D 218 -21.59 27.61 18.53
N ARG D 219 -22.12 28.77 18.94
CA ARG D 219 -22.64 29.05 20.31
C ARG D 219 -24.15 28.78 20.33
N GLU D 220 -24.54 27.58 20.78
CA GLU D 220 -25.93 27.04 20.79
C GLU D 220 -26.72 27.50 19.55
N GLY D 221 -26.36 26.95 18.38
CA GLY D 221 -27.10 27.07 17.10
C GLY D 221 -26.73 28.29 16.25
N GLN D 222 -25.88 29.21 16.73
CA GLN D 222 -25.56 30.50 16.06
C GLN D 222 -24.11 30.45 15.58
N ASP D 223 -23.88 30.20 14.29
CA ASP D 223 -22.52 30.08 13.69
C ASP D 223 -21.67 31.27 14.16
N GLN D 224 -20.51 30.98 14.77
CA GLN D 224 -19.65 31.94 15.51
C GLN D 224 -18.41 32.31 14.70
N SER D 225 -18.44 32.12 13.38
CA SER D 225 -17.25 32.20 12.47
C SER D 225 -16.71 33.64 12.36
N GLN D 226 -17.45 34.64 12.86
CA GLN D 226 -17.07 36.07 12.84
C GLN D 226 -15.72 36.29 13.55
N ASP D 227 -15.49 35.65 14.71
CA ASP D 227 -14.33 35.91 15.63
C ASP D 227 -13.57 34.60 15.90
N MET D 228 -13.70 33.63 14.98
CA MET D 228 -13.02 32.31 14.98
C MET D 228 -11.77 32.39 14.10
N GLU D 229 -10.69 31.70 14.47
CA GLU D 229 -9.45 31.56 13.66
C GLU D 229 -9.42 30.17 13.02
N LEU D 230 -9.36 30.14 11.70
CA LEU D 230 -9.41 28.92 10.86
C LEU D 230 -8.13 28.85 10.01
N VAL D 231 -7.19 27.97 10.34
CA VAL D 231 -5.98 27.77 9.49
C VAL D 231 -6.36 27.18 8.13
N GLU D 232 -5.67 27.63 7.09
CA GLU D 232 -5.61 26.98 5.75
C GLU D 232 -5.35 25.48 5.93
N THR D 233 -6.13 24.60 5.29
CA THR D 233 -5.88 23.13 5.27
C THR D 233 -4.45 22.86 4.80
N ARG D 234 -3.78 21.88 5.41
CA ARG D 234 -2.30 21.69 5.29
C ARG D 234 -1.96 20.21 5.21
N PRO D 235 -0.91 19.81 4.44
CA PRO D 235 -0.64 18.38 4.25
C PRO D 235 -0.01 17.83 5.53
N SER D 236 -0.41 16.60 5.89
CA SER D 236 0.21 15.77 6.93
C SER D 236 1.62 15.33 6.47
N GLY D 237 1.85 15.17 5.17
CA GLY D 237 3.12 14.65 4.63
C GLY D 237 3.03 13.18 4.25
N ASP D 238 1.92 12.50 4.58
CA ASP D 238 1.71 11.04 4.35
C ASP D 238 0.55 10.85 3.36
N GLY D 239 0.12 11.91 2.68
CA GLY D 239 -1.00 11.91 1.71
C GLY D 239 -2.33 12.38 2.30
N THR D 240 -2.47 12.56 3.62
CA THR D 240 -3.69 13.06 4.27
C THR D 240 -3.58 14.56 4.53
N PHE D 241 -4.44 15.10 5.36
CA PHE D 241 -4.58 16.55 5.61
C PHE D 241 -4.96 16.82 7.08
N GLN D 242 -4.78 18.07 7.47
CA GLN D 242 -5.08 18.58 8.82
C GLN D 242 -5.69 19.96 8.71
N LYS D 243 -6.48 20.30 9.73
CA LYS D 243 -7.03 21.66 9.91
C LYS D 243 -7.42 21.84 11.38
N TRP D 244 -7.47 23.11 11.80
CA TRP D 244 -8.11 23.46 13.09
C TRP D 244 -8.78 24.82 13.00
N ALA D 245 -9.76 24.99 13.87
CA ALA D 245 -10.46 26.27 14.12
C ALA D 245 -10.44 26.49 15.62
N ALA D 246 -10.15 27.72 16.02
CA ALA D 246 -10.08 28.15 17.43
C ALA D 246 -10.85 29.45 17.60
N LEU D 247 -11.30 29.75 18.81
CA LEU D 247 -11.93 31.04 19.18
C LEU D 247 -11.82 31.23 20.68
N VAL D 248 -11.86 32.50 21.11
CA VAL D 248 -11.89 32.92 22.54
C VAL D 248 -13.34 32.92 23.01
N VAL D 249 -13.62 32.19 24.10
CA VAL D 249 -14.92 32.17 24.82
C VAL D 249 -14.70 32.71 26.22
N PRO D 250 -15.73 33.28 26.91
CA PRO D 250 -15.59 33.70 28.30
C PRO D 250 -15.34 32.50 29.21
N PRO D 251 -14.53 32.66 30.26
CA PRO D 251 -14.00 31.52 31.02
C PRO D 251 -14.94 30.46 31.65
N GLY D 252 -16.17 30.75 32.00
CA GLY D 252 -17.05 29.68 32.53
C GLY D 252 -17.88 28.96 31.47
N GLU D 253 -17.95 29.46 30.23
CA GLU D 253 -19.05 29.21 29.25
C GLU D 253 -18.69 28.17 28.18
N GLU D 254 -17.71 27.30 28.44
CA GLU D 254 -17.10 26.40 27.42
C GLU D 254 -18.19 25.47 26.86
N GLN D 255 -19.11 24.98 27.70
CA GLN D 255 -20.14 23.97 27.31
C GLN D 255 -21.17 24.57 26.34
N SER D 256 -21.28 25.89 26.34
CA SER D 256 -22.22 26.61 25.44
C SER D 256 -21.64 26.72 24.02
N TYR D 257 -20.41 26.23 23.78
CA TYR D 257 -19.79 26.18 22.41
C TYR D 257 -19.62 24.73 21.90
N THR D 258 -20.02 24.51 20.64
CA THR D 258 -19.82 23.26 19.85
C THR D 258 -19.01 23.53 18.58
N CYS D 259 -18.20 22.54 18.22
CA CYS D 259 -17.48 22.48 16.93
C CYS D 259 -18.20 21.47 16.03
N HIS D 260 -18.45 21.88 14.79
CA HIS D 260 -19.10 21.08 13.72
C HIS D 260 -18.07 20.70 12.65
N VAL D 261 -17.97 19.40 12.36
CA VAL D 261 -17.06 18.83 11.33
C VAL D 261 -17.89 18.10 10.29
N GLN D 262 -17.85 18.57 9.04
CA GLN D 262 -18.39 17.79 7.88
C GLN D 262 -17.24 17.38 6.96
N HIS D 263 -17.11 16.08 6.79
CA HIS D 263 -16.21 15.44 5.81
C HIS D 263 -16.93 14.24 5.25
N GLU D 264 -16.60 13.87 4.02
CA GLU D 264 -17.36 12.81 3.30
C GLU D 264 -17.01 11.44 3.91
N GLY D 265 -15.98 11.36 4.75
CA GLY D 265 -15.59 10.10 5.40
C GLY D 265 -16.50 9.81 6.57
N LEU D 266 -17.23 10.82 7.03
CA LEU D 266 -18.14 10.72 8.20
C LEU D 266 -19.55 10.36 7.71
N GLN D 267 -20.21 9.38 8.33
CA GLN D 267 -21.62 9.00 8.05
C GLN D 267 -22.55 10.20 8.31
N GLU D 268 -22.37 10.88 9.44
CA GLU D 268 -23.06 12.17 9.78
C GLU D 268 -22.03 13.17 10.26
N PRO D 269 -22.27 14.49 10.09
CA PRO D 269 -21.34 15.50 10.61
C PRO D 269 -21.13 15.25 12.12
N LEU D 270 -19.97 15.64 12.68
CA LEU D 270 -19.66 15.48 14.13
C LEU D 270 -19.98 16.78 14.89
N THR D 271 -20.53 16.64 16.10
CA THR D 271 -20.77 17.74 17.05
C THR D 271 -19.85 17.52 18.25
N LEU D 272 -18.86 18.40 18.41
CA LEU D 272 -17.71 18.27 19.35
C LEU D 272 -17.85 19.33 20.44
N ARG D 273 -17.62 18.94 21.70
CA ARG D 273 -17.56 19.85 22.87
C ARG D 273 -16.22 19.59 23.60
N TRP D 274 -15.74 20.54 24.42
CA TRP D 274 -14.59 20.26 25.32
C TRP D 274 -15.05 19.40 26.51
N ASP D 275 -14.37 18.28 26.80
CA ASP D 275 -14.64 17.38 27.96
C ASP D 275 -13.98 17.98 29.22
N VAL E 1 3.66 41.77 -9.93
CA VAL E 1 2.95 41.76 -8.61
C VAL E 1 3.42 40.55 -7.77
N ALA E 2 4.07 40.80 -6.62
CA ALA E 2 4.62 39.78 -5.69
C ALA E 2 3.62 39.50 -4.58
N ARG E 3 3.50 38.25 -4.16
CA ARG E 3 2.60 37.83 -3.04
C ARG E 3 3.48 37.22 -1.95
N PRO E 4 3.28 37.57 -0.66
CA PRO E 4 4.14 37.05 0.42
C PRO E 4 3.77 35.63 0.84
N PRO E 5 4.73 34.81 1.34
CA PRO E 5 4.42 33.49 1.88
C PRO E 5 3.62 33.50 3.19
N LYS E 6 2.61 32.63 3.26
CA LYS E 6 2.07 32.12 4.55
C LYS E 6 2.95 30.94 4.96
N VAL E 7 3.15 30.75 6.26
CA VAL E 7 4.02 29.70 6.85
C VAL E 7 3.22 29.03 7.95
N GLN E 8 3.17 27.71 8.00
CA GLN E 8 2.60 26.96 9.14
C GLN E 8 3.61 25.91 9.57
N VAL E 9 3.90 25.83 10.86
CA VAL E 9 4.86 24.82 11.38
C VAL E 9 4.12 23.94 12.37
N TYR E 10 4.22 22.63 12.19
CA TYR E 10 3.31 21.68 12.85
C TYR E 10 3.88 20.28 12.68
N SER E 11 3.46 19.39 13.58
CA SER E 11 3.81 17.95 13.60
C SER E 11 2.78 17.22 12.78
N ARG E 12 3.18 16.13 12.12
CA ARG E 12 2.23 15.25 11.41
C ARG E 12 1.16 14.75 12.38
N HIS E 13 1.58 14.08 13.46
CA HIS E 13 0.70 13.52 14.53
C HIS E 13 0.83 14.41 15.77
N PRO E 14 -0.12 14.40 16.71
CA PRO E 14 -0.02 15.23 17.90
C PRO E 14 1.21 14.82 18.73
N ALA E 15 2.03 15.78 19.12
CA ALA E 15 3.37 15.57 19.73
C ALA E 15 3.25 14.97 21.14
N GLU E 16 3.92 13.84 21.36
CA GLU E 16 4.21 13.24 22.69
C GLU E 16 5.73 13.13 22.92
N ASN E 17 6.22 13.62 24.06
CA ASN E 17 7.68 13.62 24.41
C ASN E 17 8.25 12.19 24.29
N GLY E 18 9.22 11.97 23.41
CA GLY E 18 9.86 10.66 23.21
C GLY E 18 9.23 9.79 22.12
N LYS E 19 8.15 10.27 21.46
CA LYS E 19 7.51 9.57 20.30
C LYS E 19 8.08 10.13 19.00
N PRO E 20 8.70 9.30 18.15
CA PRO E 20 9.09 9.77 16.81
C PRO E 20 7.82 10.29 16.11
N ASN E 21 8.03 11.30 15.26
CA ASN E 21 7.00 12.18 14.65
C ASN E 21 7.67 12.83 13.44
N TYR E 22 6.95 13.67 12.72
CA TYR E 22 7.48 14.41 11.55
C TYR E 22 7.17 15.89 11.77
N LEU E 23 8.11 16.74 11.42
CA LEU E 23 7.99 18.19 11.64
C LEU E 23 7.77 18.75 10.26
N ASN E 24 6.68 19.46 10.03
CA ASN E 24 6.36 20.07 8.72
C ASN E 24 6.48 21.58 8.83
N CYS E 25 7.06 22.20 7.82
CA CYS E 25 6.91 23.64 7.54
C CYS E 25 6.25 23.74 6.17
N TYR E 26 4.96 24.12 6.12
CA TYR E 26 4.18 24.30 4.88
C TYR E 26 4.20 25.79 4.52
N VAL E 27 4.77 26.15 3.37
CA VAL E 27 4.89 27.55 2.91
C VAL E 27 4.06 27.71 1.63
N SER E 28 3.10 28.63 1.58
CA SER E 28 2.13 28.73 0.47
C SER E 28 1.84 30.20 0.12
N GLY E 29 1.22 30.40 -1.04
CA GLY E 29 0.57 31.66 -1.42
C GLY E 29 1.58 32.71 -1.89
N PHE E 30 2.75 32.29 -2.37
CA PHE E 30 3.86 33.21 -2.74
C PHE E 30 4.15 33.25 -4.25
N HIS E 31 4.56 34.45 -4.66
CA HIS E 31 5.18 34.75 -5.98
C HIS E 31 6.24 35.85 -5.82
N PRO E 32 7.42 35.75 -6.46
CA PRO E 32 7.78 34.64 -7.34
C PRO E 32 8.19 33.43 -6.50
N PRO E 33 8.59 32.30 -7.16
CA PRO E 33 8.92 31.06 -6.47
C PRO E 33 10.30 30.93 -5.84
N GLN E 34 11.21 31.87 -6.12
CA GLN E 34 12.53 31.89 -5.43
C GLN E 34 12.23 32.11 -3.95
N ILE E 35 12.52 31.09 -3.13
CA ILE E 35 12.28 31.16 -1.67
C ILE E 35 13.39 30.41 -0.93
N GLU E 36 13.66 30.81 0.31
CA GLU E 36 14.56 30.07 1.22
C GLU E 36 13.72 29.60 2.42
N ILE E 37 13.61 28.28 2.59
CA ILE E 37 12.87 27.65 3.72
C ILE E 37 13.84 26.74 4.49
N ASP E 38 14.04 27.06 5.77
CA ASP E 38 14.94 26.33 6.69
C ASP E 38 14.15 25.90 7.92
N LEU E 39 14.11 24.60 8.23
CA LEU E 39 13.73 24.07 9.56
C LEU E 39 14.91 24.27 10.52
N LEU E 40 14.63 24.67 11.77
CA LEU E 40 15.60 25.09 12.81
C LEU E 40 15.37 24.27 14.07
N LYS E 41 16.46 23.71 14.59
CA LYS E 41 16.53 22.98 15.89
C LYS E 41 17.43 23.78 16.85
N ASN E 42 16.82 24.39 17.87
CA ASN E 42 17.50 25.29 18.85
C ASN E 42 18.28 26.34 18.07
N GLY E 43 17.69 26.89 17.00
CA GLY E 43 18.32 27.96 16.19
C GLY E 43 19.24 27.45 15.08
N GLU E 44 19.47 26.14 14.96
CA GLU E 44 20.40 25.53 13.95
C GLU E 44 19.62 24.99 12.73
N LYS E 45 20.03 25.37 11.51
CA LYS E 45 19.51 24.82 10.22
C LYS E 45 19.55 23.29 10.27
N MET E 46 18.41 22.61 10.23
CA MET E 46 18.36 21.12 10.08
C MET E 46 18.49 20.82 8.60
N ASN E 47 18.91 19.61 8.24
CA ASN E 47 18.93 19.13 6.84
C ASN E 47 17.65 18.33 6.63
N ALA E 48 16.70 18.95 5.94
CA ALA E 48 15.30 18.49 5.76
C ALA E 48 15.00 18.44 4.26
N GLU E 49 14.21 17.46 3.80
CA GLU E 49 13.86 17.37 2.36
C GLU E 49 12.71 18.34 2.10
N GLN E 50 12.64 18.90 0.88
CA GLN E 50 11.57 19.84 0.46
C GLN E 50 10.92 19.34 -0.84
N SER E 51 9.57 19.27 -0.83
CA SER E 51 8.65 18.84 -1.92
C SER E 51 9.02 19.50 -3.25
N ASP E 52 8.66 18.88 -4.38
CA ASP E 52 9.15 19.36 -5.70
C ASP E 52 8.94 20.87 -5.81
N LEU E 53 7.72 21.33 -6.08
CA LEU E 53 7.37 22.76 -6.28
C LEU E 53 6.17 22.77 -7.19
N SER E 54 5.02 23.06 -6.62
CA SER E 54 3.73 23.20 -7.32
C SER E 54 3.14 24.57 -6.99
N PHE E 55 1.92 24.80 -7.44
CA PHE E 55 1.14 26.04 -7.27
C PHE E 55 -0.32 25.62 -7.14
N SER E 56 -1.13 26.49 -6.54
CA SER E 56 -2.60 26.36 -6.36
C SER E 56 -3.31 26.90 -7.58
N LYS E 57 -4.64 26.79 -7.63
CA LYS E 57 -5.48 27.19 -8.80
C LYS E 57 -5.29 28.70 -9.07
N ASP E 58 -4.96 29.50 -8.05
CA ASP E 58 -4.71 30.96 -8.18
C ASP E 58 -3.28 31.26 -8.68
N TRP E 59 -2.46 30.24 -8.98
CA TRP E 59 -1.08 30.35 -9.55
C TRP E 59 0.00 30.41 -8.47
N SER E 60 -0.41 30.68 -7.22
CA SER E 60 0.49 30.95 -6.08
C SER E 60 1.25 29.67 -5.70
N PHE E 61 2.54 29.78 -5.42
CA PHE E 61 3.41 28.61 -5.21
C PHE E 61 3.36 28.13 -3.74
N TYR E 62 3.77 26.88 -3.53
CA TYR E 62 3.78 26.24 -2.19
C TYR E 62 4.75 25.06 -2.18
N LEU E 63 5.51 24.92 -1.09
CA LEU E 63 6.35 23.73 -0.82
C LEU E 63 6.14 23.28 0.61
N LEU E 64 6.39 22.00 0.85
CA LEU E 64 6.45 21.40 2.19
C LEU E 64 7.91 21.05 2.50
N VAL E 65 8.54 21.74 3.45
CA VAL E 65 9.81 21.27 4.04
C VAL E 65 9.46 20.39 5.23
N HIS E 66 10.09 19.23 5.33
CA HIS E 66 9.80 18.22 6.37
C HIS E 66 11.07 17.43 6.71
N THR E 67 11.05 16.76 7.87
CA THR E 67 12.08 15.82 8.39
C THR E 67 11.49 15.07 9.58
N GLU E 68 12.03 13.90 9.88
CA GLU E 68 11.68 13.13 11.11
C GLU E 68 12.21 13.91 12.32
N PHE E 69 11.63 13.69 13.51
CA PHE E 69 12.07 14.30 14.80
C PHE E 69 11.34 13.62 15.96
N THR E 70 12.03 13.47 17.09
CA THR E 70 11.45 12.97 18.36
C THR E 70 11.38 14.17 19.28
N PRO E 71 10.21 14.83 19.43
CA PRO E 71 10.10 15.98 20.32
C PRO E 71 10.36 15.54 21.78
N ASN E 72 10.79 16.48 22.61
CA ASN E 72 11.09 16.28 24.04
C ASN E 72 10.76 17.59 24.76
N ALA E 73 10.96 17.66 26.08
CA ALA E 73 10.72 18.86 26.91
C ALA E 73 11.63 20.03 26.48
N VAL E 74 12.78 19.78 25.85
CA VAL E 74 13.87 20.80 25.83
C VAL E 74 14.04 21.39 24.44
N ASP E 75 14.06 20.56 23.39
CA ASP E 75 14.42 20.97 22.00
C ASP E 75 13.35 21.93 21.48
N GLN E 76 13.76 23.15 21.09
CA GLN E 76 12.90 24.17 20.45
C GLN E 76 13.06 24.03 18.93
N TYR E 77 11.96 24.08 18.18
CA TYR E 77 12.01 24.12 16.69
C TYR E 77 11.24 25.31 16.16
N SER E 78 11.64 25.71 14.96
CA SER E 78 11.08 26.87 14.25
C SER E 78 11.23 26.64 12.74
N CYS E 79 10.57 27.47 11.94
CA CYS E 79 10.76 27.52 10.47
C CYS E 79 11.19 28.94 10.08
N ARG E 80 12.24 29.07 9.27
CA ARG E 80 12.76 30.38 8.81
C ARG E 80 12.58 30.47 7.29
N VAL E 81 11.92 31.52 6.83
CA VAL E 81 11.58 31.67 5.39
C VAL E 81 12.10 33.02 4.88
N LYS E 82 12.85 32.99 3.78
CA LYS E 82 13.43 34.18 3.12
C LYS E 82 12.81 34.31 1.73
N HIS E 83 12.34 35.50 1.39
CA HIS E 83 11.64 35.79 0.11
C HIS E 83 11.73 37.29 -0.18
N VAL E 84 11.85 37.64 -1.46
CA VAL E 84 12.01 39.04 -1.95
C VAL E 84 11.07 39.96 -1.15
N THR E 85 9.92 39.42 -0.77
CA THR E 85 8.75 40.17 -0.21
C THR E 85 8.98 40.48 1.29
N LEU E 86 10.06 39.93 1.87
CA LEU E 86 10.44 40.14 3.29
C LEU E 86 11.86 40.71 3.36
N ASP E 87 12.02 41.94 3.87
CA ASP E 87 13.35 42.52 4.19
C ASP E 87 14.00 41.62 5.24
N LYS E 88 13.24 41.22 6.27
CA LYS E 88 13.74 40.35 7.36
C LYS E 88 13.14 38.94 7.22
N PRO E 89 13.93 37.89 7.51
CA PRO E 89 13.45 36.52 7.42
C PRO E 89 12.22 36.35 8.33
N LYS E 90 11.26 35.50 7.94
CA LYS E 90 10.09 35.16 8.77
C LYS E 90 10.39 33.90 9.59
N ILE E 91 10.16 33.97 10.90
CA ILE E 91 10.42 32.84 11.84
C ILE E 91 9.09 32.51 12.51
N VAL E 92 8.68 31.25 12.42
CA VAL E 92 7.49 30.75 13.15
C VAL E 92 7.98 29.60 14.02
N LYS E 93 7.73 29.74 15.32
CA LYS E 93 8.07 28.72 16.34
C LYS E 93 7.14 27.53 16.16
N TRP E 94 7.66 26.33 16.31
CA TRP E 94 6.77 25.15 16.43
C TRP E 94 6.19 25.12 17.82
N ASP E 95 4.90 24.87 17.91
CA ASP E 95 4.14 24.83 19.18
C ASP E 95 3.18 23.65 19.04
N ARG E 96 3.21 22.69 19.95
CA ARG E 96 2.54 21.40 19.69
C ARG E 96 1.02 21.54 19.73
N ASP E 97 0.44 22.68 20.16
CA ASP E 97 -1.02 22.96 19.98
C ASP E 97 -1.25 24.21 19.13
N HIS E 98 -0.22 25.04 18.94
CA HIS E 98 -0.22 26.43 18.37
C HIS E 98 -0.92 27.39 19.33
N TYR F 1 -1.57 10.36 -17.73
CA TYR F 1 -1.06 10.33 -19.13
C TYR F 1 -1.10 11.76 -19.70
N MET F 2 0.07 12.37 -19.87
CA MET F 2 0.23 13.80 -20.27
C MET F 2 -0.13 14.00 -21.75
N ASN F 3 -0.41 15.25 -22.08
CA ASN F 3 -0.72 15.75 -23.44
C ASN F 3 0.61 15.92 -24.19
N CYS F 4 0.73 15.41 -25.43
CA CYS F 4 1.95 15.52 -26.29
C CYS F 4 1.77 16.64 -27.32
N SER F 5 1.41 17.84 -26.83
CA SER F 5 1.28 19.12 -27.58
C SER F 5 2.17 20.13 -26.88
N LEU F 6 2.85 20.99 -27.62
CA LEU F 6 3.62 22.12 -27.05
C LEU F 6 2.86 23.40 -27.39
N PRO F 7 2.04 23.96 -26.47
CA PRO F 7 1.24 25.15 -26.76
C PRO F 7 2.15 26.28 -27.26
N THR F 8 1.76 27.00 -28.32
CA THR F 8 2.66 28.01 -28.92
C THR F 8 2.47 29.32 -28.16
N TYR F 9 3.54 30.09 -28.07
CA TYR F 9 3.61 31.41 -27.39
C TYR F 9 4.13 32.43 -28.42
#